data_7WR1
#
_entry.id   7WR1
#
_cell.length_a   76.639
_cell.length_b   59.751
_cell.length_c   121.746
_cell.angle_alpha   90.000
_cell.angle_beta   104.083
_cell.angle_gamma   90.000
#
_symmetry.space_group_name_H-M   'P 1 21 1'
#
loop_
_entity.id
_entity.type
_entity.pdbx_description
1 polymer Caspase-4
2 polymer OspC3
3 water water
#
loop_
_entity_poly.entity_id
_entity_poly.type
_entity_poly.pdbx_seq_one_letter_code
_entity_poly.pdbx_strand_id
1 'polypeptide(L)'
;SGRPSTDALKLCPHEEFLRLCKERAEEIYPIKERNNRTRLALIICNTEFDHLPPRNGADFDITGMKELLEGLDYSVDVEE
NLTARDMESALRAFATRPEHKSSDSTFLVLMSHGILEGICGTVHDEKKPDVLLYDTIFQIFNNRNCLSLKDKPKVIIVQA
ARGANRGELWVRDSPASLEVASSQSSENLEEDAVYKTHVEKDFIAFCSSTPHNVSWRDSTMGSIFITQLITCFQKYSWCC
HLEEVFRKVQQSFETPRAKAQMPTIERLSMTRYFYLFPGN
;
A,B
2 'polypeptide(L)'
;GPLGSGRPMLSTDNFKKIKLRDISLEDAIKASNYEEINNKVTDKKMAHQALAYSLGNKKADIALYLLSKFNFTKQDVAEM
EKMKNNRYCNLYDVEYLLSKDGANYKVLEYFINNGLVDVNKKFQKVNSGDTMLDNAMKSKDSKMIDFLLKNGAILGKRFE
I
;
C,D
#
# COMPACT_ATOMS: atom_id res chain seq x y z
N ASP A 7 27.87 -8.08 28.41
CA ASP A 7 27.45 -9.41 28.83
C ASP A 7 25.92 -9.46 29.06
N ALA A 8 25.47 -8.85 30.16
CA ALA A 8 24.07 -8.88 30.54
C ALA A 8 23.62 -7.47 30.95
N LEU A 9 22.36 -7.16 30.63
CA LEU A 9 21.76 -5.90 31.06
C LEU A 9 21.56 -5.91 32.57
N LYS A 10 22.26 -5.02 33.27
CA LYS A 10 22.10 -4.90 34.71
C LYS A 10 20.79 -4.20 35.03
N LEU A 11 20.05 -4.73 36.00
CA LEU A 11 18.73 -4.21 36.33
C LEU A 11 18.80 -3.17 37.44
N CYS A 12 17.85 -2.24 37.41
CA CYS A 12 17.72 -1.28 38.49
C CYS A 12 16.93 -1.91 39.64
N PRO A 13 17.49 -1.97 40.86
CA PRO A 13 16.72 -2.48 42.00
C PRO A 13 15.41 -1.71 42.15
N HIS A 14 14.34 -2.45 42.44
CA HIS A 14 13.00 -1.86 42.50
C HIS A 14 12.93 -0.73 43.54
N GLU A 15 13.63 -0.88 44.67
CA GLU A 15 13.61 0.15 45.70
C GLU A 15 14.23 1.46 45.19
N GLU A 16 15.32 1.36 44.40
CA GLU A 16 15.92 2.55 43.83
C GLU A 16 14.99 3.23 42.84
N PHE A 17 14.30 2.42 42.02
CA PHE A 17 13.28 2.93 41.12
C PHE A 17 12.22 3.73 41.87
N LEU A 18 11.68 3.15 42.94
CA LEU A 18 10.64 3.83 43.71
C LEU A 18 11.17 5.11 44.34
N ARG A 19 12.35 5.04 44.96
CA ARG A 19 12.93 6.22 45.60
C ARG A 19 13.11 7.36 44.59
N LEU A 20 13.70 7.06 43.44
CA LEU A 20 13.94 8.11 42.45
C LEU A 20 12.64 8.66 41.90
N CYS A 21 11.66 7.80 41.63
CA CYS A 21 10.38 8.28 41.10
C CYS A 21 9.64 9.14 42.12
N LYS A 22 9.86 8.90 43.41
CA LYS A 22 9.20 9.72 44.42
C LYS A 22 9.93 11.06 44.60
N GLU A 23 11.25 11.01 44.79
CA GLU A 23 12.00 12.21 45.14
C GLU A 23 12.23 13.16 43.96
N ARG A 24 12.40 12.63 42.75
CA ARG A 24 12.75 13.46 41.60
C ARG A 24 11.66 13.43 40.52
N ALA A 25 10.40 13.29 40.97
CA ALA A 25 9.29 13.09 40.04
C ALA A 25 9.17 14.25 39.05
N GLU A 26 9.48 15.47 39.48
CA GLU A 26 9.33 16.61 38.58
C GLU A 26 10.53 16.77 37.65
N GLU A 27 11.59 15.98 37.85
CA GLU A 27 12.81 16.10 37.06
C GLU A 27 12.94 15.02 35.99
N ILE A 28 12.16 13.95 36.07
CA ILE A 28 12.33 12.83 35.16
C ILE A 28 11.00 12.55 34.46
N TYR A 29 11.11 11.96 33.27
CA TYR A 29 9.91 11.56 32.55
C TYR A 29 9.17 10.50 33.35
N PRO A 30 7.84 10.59 33.46
CA PRO A 30 7.09 9.57 34.19
C PRO A 30 7.12 8.23 33.49
N ILE A 31 7.10 7.17 34.30
CA ILE A 31 7.19 5.79 33.84
C ILE A 31 5.83 5.13 34.04
N LYS A 32 5.29 4.52 32.98
CA LYS A 32 4.06 3.76 33.11
C LYS A 32 4.35 2.42 33.76
N GLU A 33 3.42 1.96 34.59
CA GLU A 33 3.64 0.72 35.33
C GLU A 33 3.78 -0.45 34.36
N ARG A 34 4.64 -1.40 34.72
CA ARG A 34 5.11 -2.40 33.77
C ARG A 34 3.97 -3.26 33.24
N ASN A 35 2.97 -3.58 34.06
CA ASN A 35 1.92 -4.49 33.62
C ASN A 35 0.85 -3.82 32.77
N ASN A 36 0.78 -2.49 32.74
CA ASN A 36 -0.13 -1.78 31.85
C ASN A 36 0.59 -1.05 30.72
N ARG A 37 1.87 -1.38 30.47
CA ARG A 37 2.71 -0.63 29.55
C ARG A 37 2.86 -1.38 28.23
N THR A 38 2.85 -0.64 27.12
CA THR A 38 3.01 -1.21 25.78
C THR A 38 4.03 -0.38 25.00
N ARG A 39 5.28 -0.39 25.47
CA ARG A 39 6.34 0.35 24.78
C ARG A 39 6.65 -0.28 23.43
N LEU A 40 6.84 0.58 22.43
CA LEU A 40 7.23 0.17 21.09
C LEU A 40 8.55 0.82 20.70
N ALA A 41 9.33 0.11 19.88
CA ALA A 41 10.55 0.65 19.29
C ALA A 41 10.64 0.18 17.85
N LEU A 42 11.39 0.93 17.05
CA LEU A 42 11.48 0.68 15.62
C LEU A 42 12.94 0.68 15.19
N ILE A 43 13.34 -0.35 14.45
CA ILE A 43 14.66 -0.41 13.82
C ILE A 43 14.46 -0.44 12.33
N ILE A 44 15.12 0.46 11.61
CA ILE A 44 15.18 0.44 10.16
C ILE A 44 16.64 0.26 9.78
N CYS A 45 16.93 -0.78 9.00
CA CYS A 45 18.32 -1.06 8.63
C CYS A 45 18.39 -1.39 7.15
N ASN A 46 19.20 -0.64 6.41
CA ASN A 46 19.43 -0.91 5.00
C ASN A 46 20.82 -1.48 4.84
N THR A 47 20.90 -2.67 4.24
CA THR A 47 22.14 -3.41 4.10
C THR A 47 22.58 -3.63 2.66
N GLU A 48 21.64 -3.67 1.71
CA GLU A 48 21.95 -3.92 0.31
C GLU A 48 21.40 -2.78 -0.53
N PHE A 49 22.26 -2.20 -1.37
CA PHE A 49 21.92 -1.00 -2.13
C PHE A 49 22.19 -1.23 -3.61
N ASP A 50 21.41 -0.55 -4.45
CA ASP A 50 21.63 -0.64 -5.89
C ASP A 50 22.95 -0.03 -6.33
N HIS A 51 23.37 1.07 -5.67
CA HIS A 51 24.52 1.83 -6.13
C HIS A 51 25.56 2.12 -5.04
N LEU A 52 25.44 1.48 -3.88
CA LEU A 52 26.32 1.74 -2.75
C LEU A 52 26.85 0.41 -2.23
N PRO A 53 27.99 0.43 -1.53
CA PRO A 53 28.54 -0.80 -1.00
C PRO A 53 27.59 -1.45 -0.01
N PRO A 54 27.64 -2.77 0.13
CA PRO A 54 26.78 -3.43 1.12
C PRO A 54 27.28 -3.15 2.53
N ARG A 55 26.35 -3.21 3.49
CA ARG A 55 26.67 -3.04 4.91
C ARG A 55 26.55 -4.40 5.57
N ASN A 56 27.64 -5.17 5.47
CA ASN A 56 27.65 -6.55 5.95
C ASN A 56 27.79 -6.58 7.48
N GLY A 57 27.36 -7.70 8.06
CA GLY A 57 27.34 -7.80 9.50
C GLY A 57 26.24 -7.00 10.18
N ALA A 58 25.31 -6.44 9.41
CA ALA A 58 24.22 -5.69 10.02
C ALA A 58 23.32 -6.58 10.87
N ASP A 59 23.21 -7.86 10.53
CA ASP A 59 22.42 -8.77 11.36
C ASP A 59 22.87 -8.77 12.80
N PHE A 60 24.18 -8.64 13.03
CA PHE A 60 24.67 -8.62 14.39
C PHE A 60 24.26 -7.34 15.11
N ASP A 61 24.31 -6.20 14.44
CA ASP A 61 23.84 -4.95 15.03
C ASP A 61 22.34 -5.00 15.32
N ILE A 62 21.56 -5.51 14.36
CA ILE A 62 20.11 -5.62 14.55
C ILE A 62 19.80 -6.53 15.72
N THR A 63 20.46 -7.69 15.77
CA THR A 63 20.23 -8.63 16.86
C THR A 63 20.56 -7.99 18.21
N GLY A 64 21.70 -7.31 18.29
CA GLY A 64 22.09 -6.69 19.55
C GLY A 64 21.12 -5.61 19.99
N MET A 65 20.72 -4.74 19.06
CA MET A 65 19.84 -3.64 19.43
C MET A 65 18.44 -4.15 19.77
N LYS A 66 17.95 -5.15 19.03
CA LYS A 66 16.66 -5.75 19.34
C LYS A 66 16.66 -6.36 20.73
N GLU A 67 17.70 -7.13 21.06
CA GLU A 67 17.77 -7.76 22.37
C GLU A 67 17.88 -6.71 23.47
N LEU A 68 18.69 -5.67 23.26
CA LEU A 68 18.80 -4.60 24.26
C LEU A 68 17.46 -3.94 24.50
N LEU A 69 16.78 -3.55 23.43
CA LEU A 69 15.51 -2.83 23.56
C LEU A 69 14.44 -3.71 24.21
N GLU A 70 14.41 -5.01 23.88
CA GLU A 70 13.48 -5.91 24.55
C GLU A 70 13.82 -6.04 26.03
N GLY A 71 15.11 -6.08 26.37
CA GLY A 71 15.49 -6.03 27.78
C GLY A 71 15.03 -4.76 28.47
N LEU A 72 14.99 -3.65 27.74
CA LEU A 72 14.44 -2.40 28.23
C LEU A 72 12.90 -2.35 28.15
N ASP A 73 12.28 -3.47 27.75
CA ASP A 73 10.84 -3.70 27.75
C ASP A 73 10.12 -2.99 26.60
N TYR A 74 10.80 -2.84 25.46
CA TYR A 74 10.18 -2.37 24.22
C TYR A 74 9.89 -3.58 23.33
N SER A 75 8.70 -3.60 22.73
CA SER A 75 8.44 -4.50 21.62
C SER A 75 8.99 -3.88 20.35
N VAL A 76 9.80 -4.63 19.62
CA VAL A 76 10.65 -4.08 18.56
C VAL A 76 10.11 -4.51 17.21
N ASP A 77 9.83 -3.54 16.35
CA ASP A 77 9.56 -3.81 14.94
C ASP A 77 10.82 -3.55 14.14
N VAL A 78 11.20 -4.50 13.28
CA VAL A 78 12.41 -4.38 12.47
C VAL A 78 12.02 -4.29 11.00
N GLU A 79 12.55 -3.29 10.32
CA GLU A 79 12.35 -3.06 8.90
C GLU A 79 13.71 -3.13 8.22
N GLU A 80 13.77 -3.75 7.04
CA GLU A 80 15.06 -3.92 6.39
C GLU A 80 14.95 -3.66 4.90
N ASN A 81 15.92 -2.89 4.38
CA ASN A 81 16.12 -2.67 2.95
C ASN A 81 14.91 -2.00 2.32
N LEU A 82 14.68 -0.77 2.76
CA LEU A 82 13.60 0.05 2.25
C LEU A 82 14.14 1.23 1.45
N THR A 83 13.38 1.63 0.45
CA THR A 83 13.61 2.92 -0.19
C THR A 83 13.18 4.05 0.76
N ALA A 84 13.59 5.27 0.41
CA ALA A 84 13.24 6.43 1.24
C ALA A 84 11.73 6.57 1.37
N ARG A 85 10.99 6.34 0.28
CA ARG A 85 9.54 6.37 0.31
C ARG A 85 8.98 5.36 1.32
N ASP A 86 9.51 4.13 1.28
CA ASP A 86 9.02 3.10 2.20
C ASP A 86 9.50 3.36 3.63
N MET A 87 10.68 3.96 3.80
CA MET A 87 11.11 4.35 5.14
C MET A 87 10.15 5.37 5.74
N GLU A 88 9.76 6.37 4.96
CA GLU A 88 8.82 7.36 5.46
C GLU A 88 7.46 6.72 5.75
N SER A 89 7.00 5.81 4.89
CA SER A 89 5.76 5.10 5.17
C SER A 89 5.85 4.32 6.48
N ALA A 90 6.96 3.60 6.69
CA ALA A 90 7.11 2.83 7.92
C ALA A 90 7.09 3.75 9.14
N LEU A 91 7.74 4.91 9.04
CA LEU A 91 7.74 5.84 10.17
C LEU A 91 6.35 6.39 10.45
N ARG A 92 5.59 6.75 9.41
CA ARG A 92 4.24 7.27 9.65
C ARG A 92 3.35 6.20 10.27
N ALA A 93 3.43 4.97 9.75
CA ALA A 93 2.66 3.87 10.33
C ALA A 93 3.02 3.66 11.78
N PHE A 94 4.32 3.67 12.09
CA PHE A 94 4.76 3.50 13.48
C PHE A 94 4.24 4.63 14.37
N ALA A 95 4.27 5.86 13.86
CA ALA A 95 3.79 7.01 14.63
C ALA A 95 2.30 6.90 14.93
N THR A 96 1.53 6.21 14.09
CA THR A 96 0.10 6.09 14.36
C THR A 96 -0.28 4.87 15.21
N ARG A 97 0.68 4.06 15.63
CA ARG A 97 0.35 2.85 16.38
C ARG A 97 -0.37 3.20 17.68
N PRO A 98 -1.46 2.50 18.02
CA PRO A 98 -2.20 2.86 19.24
C PRO A 98 -1.48 2.47 20.53
N GLU A 99 -0.54 1.52 20.47
CA GLU A 99 0.22 1.15 21.66
C GLU A 99 0.94 2.35 22.27
N HIS A 100 1.32 3.34 21.45
CA HIS A 100 1.99 4.52 21.99
C HIS A 100 1.14 5.22 23.05
N LYS A 101 -0.18 5.12 22.95
CA LYS A 101 -1.03 5.76 23.96
C LYS A 101 -0.77 5.20 25.33
N SER A 102 -0.52 3.89 25.44
CA SER A 102 -0.22 3.26 26.72
C SER A 102 1.27 3.02 26.90
N SER A 103 2.10 3.82 26.23
CA SER A 103 3.54 3.81 26.37
C SER A 103 4.02 5.11 27.01
N ASP A 104 5.27 5.12 27.47
CA ASP A 104 5.84 6.29 28.10
C ASP A 104 7.00 6.88 27.31
N SER A 105 7.34 6.32 26.15
CA SER A 105 8.55 6.65 25.43
C SER A 105 8.67 5.82 24.15
N THR A 106 9.68 6.10 23.33
CA THR A 106 9.96 5.25 22.19
C THR A 106 11.41 5.44 21.74
N PHE A 107 11.89 4.44 21.00
CA PHE A 107 13.19 4.46 20.34
C PHE A 107 13.02 4.25 18.85
N LEU A 108 13.74 5.03 18.06
CA LEU A 108 13.87 4.84 16.62
C LEU A 108 15.35 4.67 16.30
N VAL A 109 15.71 3.53 15.73
CA VAL A 109 17.10 3.20 15.40
C VAL A 109 17.19 3.10 13.88
N LEU A 110 18.03 3.94 13.29
CA LEU A 110 18.16 4.00 11.83
C LEU A 110 19.60 3.70 11.44
N MET A 111 19.78 2.76 10.51
CA MET A 111 21.12 2.33 10.10
C MET A 111 21.15 2.19 8.59
N SER A 112 22.05 2.94 7.95
CA SER A 112 22.16 2.96 6.50
C SER A 112 23.43 3.72 6.14
N HIS A 113 23.62 3.98 4.84
CA HIS A 113 24.49 5.07 4.41
C HIS A 113 23.71 6.37 4.59
N GLY A 114 24.43 7.46 4.76
CA GLY A 114 23.79 8.75 4.95
C GLY A 114 24.49 9.85 4.18
N ILE A 115 23.80 10.98 4.09
CA ILE A 115 24.41 12.24 3.68
C ILE A 115 24.12 13.23 4.79
N LEU A 116 24.52 14.49 4.60
CA LEU A 116 24.36 15.47 5.67
C LEU A 116 22.90 15.64 6.07
N GLU A 117 22.00 15.71 5.09
CA GLU A 117 20.62 16.05 5.33
C GLU A 117 19.74 14.87 5.73
N GLY A 118 20.19 13.63 5.55
CA GLY A 118 19.34 12.49 5.87
C GLY A 118 20.02 11.17 5.57
N ILE A 119 19.21 10.11 5.60
CA ILE A 119 19.69 8.74 5.45
C ILE A 119 19.25 8.18 4.10
N CYS A 120 20.11 7.36 3.51
CA CYS A 120 19.88 6.87 2.16
C CYS A 120 18.97 5.65 2.14
N GLY A 121 18.03 5.64 1.18
CA GLY A 121 17.30 4.43 0.84
C GLY A 121 18.14 3.52 -0.04
N THR A 122 17.59 2.32 -0.27
CA THR A 122 18.35 1.29 -0.99
C THR A 122 18.67 1.70 -2.43
N VAL A 123 17.85 2.54 -3.04
CA VAL A 123 18.02 2.87 -4.45
C VAL A 123 18.76 4.20 -4.64
N HIS A 124 19.45 4.69 -3.61
CA HIS A 124 20.08 6.00 -3.68
C HIS A 124 21.24 6.00 -4.68
N ASP A 125 21.26 7.02 -5.53
CA ASP A 125 22.38 7.29 -6.42
C ASP A 125 22.62 8.79 -6.42
N GLU A 126 23.87 9.19 -6.70
CA GLU A 126 24.17 10.62 -6.71
C GLU A 126 23.39 11.35 -7.79
N LYS A 127 23.10 10.68 -8.92
CA LYS A 127 22.33 11.31 -9.98
C LYS A 127 20.83 11.28 -9.70
N LYS A 128 20.35 10.31 -8.93
CA LYS A 128 18.94 10.21 -8.58
C LYS A 128 18.86 9.90 -7.09
N PRO A 129 18.87 10.92 -6.24
CA PRO A 129 18.95 10.70 -4.80
C PRO A 129 17.68 10.06 -4.24
N ASP A 130 17.88 9.20 -3.24
CA ASP A 130 16.78 8.55 -2.51
C ASP A 130 17.12 8.72 -1.03
N VAL A 131 16.58 9.77 -0.41
CA VAL A 131 17.00 10.20 0.92
C VAL A 131 15.78 10.47 1.78
N LEU A 132 15.79 9.94 3.00
CA LEU A 132 14.87 10.33 4.05
C LEU A 132 15.52 11.46 4.84
N LEU A 133 14.96 12.66 4.72
CA LEU A 133 15.52 13.80 5.43
C LEU A 133 15.26 13.68 6.92
N TYR A 134 16.26 14.06 7.73
CA TYR A 134 16.07 14.04 9.18
C TYR A 134 14.91 14.94 9.60
N ASP A 135 14.75 16.08 8.93
CA ASP A 135 13.63 16.98 9.24
C ASP A 135 12.30 16.26 9.12
N THR A 136 12.18 15.38 8.11
CA THR A 136 10.94 14.61 7.95
C THR A 136 10.68 13.74 9.17
N ILE A 137 11.72 13.06 9.67
CA ILE A 137 11.56 12.21 10.85
C ILE A 137 11.04 13.03 12.02
N PHE A 138 11.70 14.15 12.32
CA PHE A 138 11.26 14.95 13.48
C PHE A 138 9.86 15.51 13.28
N GLN A 139 9.50 15.83 12.04
CA GLN A 139 8.16 16.34 11.77
C GLN A 139 7.09 15.29 12.00
N ILE A 140 7.35 14.04 11.56
CA ILE A 140 6.36 12.98 11.68
C ILE A 140 5.97 12.75 13.15
N PHE A 141 6.94 12.90 14.06
CA PHE A 141 6.73 12.58 15.46
C PHE A 141 6.55 13.80 16.34
N ASN A 142 6.36 14.99 15.77
CA ASN A 142 6.32 16.20 16.58
C ASN A 142 5.01 16.29 17.37
N ASN A 143 4.88 17.36 18.17
CA ASN A 143 3.75 17.50 19.09
C ASN A 143 2.42 17.65 18.37
N ARG A 144 2.42 18.12 17.12
CA ARG A 144 1.17 18.22 16.38
C ARG A 144 0.80 16.91 15.71
N ASN A 145 1.79 16.24 15.11
CA ASN A 145 1.53 15.10 14.24
C ASN A 145 1.50 13.77 14.99
N CYS A 146 2.07 13.69 16.19
CA CYS A 146 2.05 12.45 16.97
C CYS A 146 1.58 12.77 18.39
N LEU A 147 0.26 12.88 18.55
CA LEU A 147 -0.26 13.27 19.86
C LEU A 147 0.00 12.21 20.92
N SER A 148 0.03 10.94 20.53
CA SER A 148 0.18 9.87 21.51
C SER A 148 1.58 9.83 22.13
N LEU A 149 2.58 10.40 21.46
CA LEU A 149 3.92 10.48 22.03
C LEU A 149 4.24 11.89 22.54
N LYS A 150 3.28 12.81 22.50
CA LYS A 150 3.50 14.15 23.01
C LYS A 150 3.85 14.11 24.49
N ASP A 151 4.86 14.90 24.86
CA ASP A 151 5.43 14.97 26.21
C ASP A 151 6.17 13.70 26.61
N LYS A 152 6.41 12.79 25.67
CA LYS A 152 7.15 11.57 25.96
C LYS A 152 8.46 11.55 25.19
N PRO A 153 9.54 11.05 25.80
CA PRO A 153 10.85 11.10 25.14
C PRO A 153 10.88 10.24 23.89
N LYS A 154 11.41 10.81 22.82
CA LYS A 154 11.58 10.14 21.53
C LYS A 154 13.08 10.08 21.24
N VAL A 155 13.65 8.89 21.38
CA VAL A 155 15.08 8.67 21.28
C VAL A 155 15.39 8.14 19.88
N ILE A 156 16.19 8.90 19.14
CA ILE A 156 16.55 8.57 17.77
C ILE A 156 18.03 8.21 17.76
N ILE A 157 18.35 6.97 17.44
CA ILE A 157 19.73 6.52 17.32
C ILE A 157 20.02 6.33 15.84
N VAL A 158 21.03 7.04 15.33
CA VAL A 158 21.32 7.07 13.90
C VAL A 158 22.73 6.58 13.65
N GLN A 159 22.87 5.58 12.79
CA GLN A 159 24.17 5.21 12.25
C GLN A 159 24.09 5.39 10.74
N ALA A 160 24.72 6.45 10.24
CA ALA A 160 24.60 6.81 8.83
C ALA A 160 25.99 7.14 8.30
N ALA A 161 26.66 6.15 7.71
CA ALA A 161 28.04 6.29 7.29
C ALA A 161 28.20 7.38 6.23
N ARG A 162 29.23 8.21 6.41
CA ARG A 162 29.63 9.27 5.46
C ARG A 162 28.57 10.37 5.39
N GLY A 163 28.20 10.90 6.55
CA GLY A 163 27.21 11.96 6.64
C GLY A 163 27.63 13.24 5.93
N ASP A 192 8.55 29.92 10.59
CA ASP A 192 9.97 29.68 10.40
C ASP A 192 10.46 28.57 11.33
N ALA A 193 11.73 28.64 11.71
CA ALA A 193 12.28 27.69 12.66
C ALA A 193 11.75 27.89 14.08
N VAL A 194 11.01 28.98 14.33
CA VAL A 194 10.42 29.17 15.65
C VAL A 194 9.25 28.22 15.86
N TYR A 195 8.48 27.96 14.80
CA TYR A 195 7.46 26.91 14.88
C TYR A 195 8.09 25.56 15.13
N LYS A 196 9.19 25.26 14.41
CA LYS A 196 9.92 24.01 14.63
C LYS A 196 10.38 23.90 16.08
N THR A 197 10.92 24.98 16.64
CA THR A 197 11.35 24.97 18.03
C THR A 197 10.18 24.81 18.99
N HIS A 198 8.99 25.29 18.61
CA HIS A 198 7.84 25.18 19.51
C HIS A 198 7.23 23.78 19.48
N VAL A 199 7.21 23.12 18.31
CA VAL A 199 6.45 21.88 18.17
C VAL A 199 7.31 20.62 18.25
N GLU A 200 8.62 20.71 17.98
CA GLU A 200 9.50 19.55 18.04
C GLU A 200 10.11 19.48 19.43
N LYS A 201 9.47 18.72 20.31
CA LYS A 201 9.86 18.66 21.70
C LYS A 201 10.13 17.21 22.12
N ASP A 202 10.94 17.08 23.17
CA ASP A 202 11.22 15.79 23.82
C ASP A 202 11.90 14.80 22.88
N PHE A 203 12.68 15.31 21.94
CA PHE A 203 13.55 14.49 21.10
C PHE A 203 14.96 14.47 21.63
N ILE A 204 15.68 13.41 21.30
CA ILE A 204 17.15 13.46 21.35
C ILE A 204 17.66 12.53 20.26
N ALA A 205 18.69 12.97 19.52
CA ALA A 205 19.31 12.13 18.51
C ALA A 205 20.75 11.87 18.89
N PHE A 206 21.18 10.63 18.72
CA PHE A 206 22.54 10.19 19.01
C PHE A 206 23.06 9.60 17.71
N CYS A 207 24.06 10.26 17.10
CA CYS A 207 24.42 10.03 15.71
C CYS A 207 25.86 9.62 15.57
N SER A 208 26.09 8.58 14.76
CA SER A 208 27.42 8.16 14.32
C SER A 208 27.47 8.26 12.80
N SER A 209 28.52 8.88 12.29
CA SER A 209 28.71 9.05 10.86
C SER A 209 30.02 8.42 10.38
N THR A 210 30.48 7.38 11.10
CA THR A 210 31.75 6.76 10.79
C THR A 210 31.73 6.18 9.38
N PRO A 211 32.72 6.48 8.54
CA PRO A 211 32.74 5.88 7.19
C PRO A 211 32.81 4.36 7.27
N HIS A 212 32.18 3.71 6.29
CA HIS A 212 32.08 2.26 6.29
C HIS A 212 33.46 1.64 6.08
N ASN A 213 33.88 0.81 7.04
CA ASN A 213 35.17 0.12 6.99
C ASN A 213 36.34 1.07 6.74
N MET A 221 31.37 -8.13 10.74
CA MET A 221 30.85 -8.31 12.09
C MET A 221 30.13 -7.06 12.56
N GLY A 222 29.93 -6.94 13.88
CA GLY A 222 29.23 -5.79 14.42
C GLY A 222 30.01 -4.50 14.28
N SER A 223 29.28 -3.39 14.28
CA SER A 223 29.89 -2.08 14.19
C SER A 223 30.32 -1.58 15.57
N ILE A 224 31.36 -0.74 15.58
CA ILE A 224 31.95 -0.25 16.83
C ILE A 224 30.94 0.60 17.60
N PHE A 225 30.24 1.49 16.91
CA PHE A 225 29.28 2.37 17.57
C PHE A 225 28.18 1.58 18.27
N ILE A 226 27.58 0.62 17.57
CA ILE A 226 26.48 -0.15 18.15
C ILE A 226 26.96 -1.00 19.31
N THR A 227 28.15 -1.62 19.17
CA THR A 227 28.71 -2.41 20.26
C THR A 227 28.96 -1.56 21.51
N GLN A 228 29.55 -0.38 21.35
CA GLN A 228 29.78 0.50 22.49
C GLN A 228 28.46 0.95 23.10
N LEU A 229 27.47 1.28 22.28
CA LEU A 229 26.17 1.71 22.77
C LEU A 229 25.53 0.64 23.63
N ILE A 230 25.52 -0.60 23.13
CA ILE A 230 24.94 -1.71 23.86
C ILE A 230 25.68 -1.94 25.17
N THR A 231 27.02 -1.95 25.12
CA THR A 231 27.81 -2.14 26.34
C THR A 231 27.48 -1.08 27.40
N CYS A 232 27.38 0.18 26.98
CA CYS A 232 27.14 1.23 27.96
C CYS A 232 25.71 1.16 28.52
N PHE A 233 24.73 0.80 27.69
CA PHE A 233 23.39 0.61 28.23
C PHE A 233 23.37 -0.53 29.24
N GLN A 234 24.04 -1.63 28.91
CA GLN A 234 24.05 -2.79 29.79
C GLN A 234 24.71 -2.46 31.12
N LYS A 235 25.80 -1.69 31.08
CA LYS A 235 26.54 -1.40 32.30
C LYS A 235 25.96 -0.25 33.11
N TYR A 236 25.25 0.68 32.48
CA TYR A 236 24.93 1.94 33.16
C TYR A 236 23.47 2.33 33.16
N SER A 237 22.59 1.69 32.38
CA SER A 237 21.22 2.18 32.35
C SER A 237 20.49 1.94 33.67
N TRP A 238 20.99 1.04 34.52
CA TRP A 238 20.36 0.77 35.81
C TRP A 238 20.50 1.95 36.77
N CYS A 239 21.53 2.78 36.60
CA CYS A 239 21.81 3.85 37.54
C CYS A 239 21.82 5.24 36.94
N CYS A 240 21.99 5.36 35.62
CA CYS A 240 22.20 6.64 34.98
C CYS A 240 21.10 6.91 33.97
N HIS A 241 20.75 8.18 33.80
CA HIS A 241 19.74 8.48 32.81
C HIS A 241 20.33 8.44 31.40
N LEU A 242 19.44 8.53 30.41
CA LEU A 242 19.80 8.30 29.01
C LEU A 242 21.00 9.12 28.57
N GLU A 243 21.01 10.41 28.91
CA GLU A 243 22.12 11.27 28.44
C GLU A 243 23.42 10.92 29.13
N GLU A 244 23.38 10.46 30.38
CA GLU A 244 24.60 9.95 31.01
C GLU A 244 25.11 8.70 30.32
N VAL A 245 24.20 7.83 29.86
CA VAL A 245 24.65 6.65 29.11
C VAL A 245 25.31 7.07 27.81
N PHE A 246 24.68 8.00 27.10
CA PHE A 246 25.27 8.52 25.86
C PHE A 246 26.64 9.13 26.11
N ARG A 247 26.79 9.84 27.23
CA ARG A 247 28.09 10.43 27.58
C ARG A 247 29.13 9.36 27.86
N LYS A 248 28.75 8.25 28.52
CA LYS A 248 29.70 7.15 28.69
C LYS A 248 30.14 6.57 27.35
N VAL A 249 29.18 6.43 26.43
CA VAL A 249 29.54 6.02 25.06
C VAL A 249 30.58 6.97 24.48
N GLN A 250 30.28 8.27 24.53
CA GLN A 250 31.19 9.27 23.97
C GLN A 250 32.57 9.21 24.62
N GLN A 251 32.61 9.04 25.94
CA GLN A 251 33.90 8.97 26.63
C GLN A 251 34.72 7.80 26.13
N SER A 252 34.06 6.70 25.73
CA SER A 252 34.85 5.58 25.19
C SER A 252 35.58 5.95 23.91
N PHE A 253 35.18 7.01 23.22
CA PHE A 253 35.87 7.46 22.01
C PHE A 253 36.90 8.54 22.29
N GLU A 254 37.19 8.84 23.55
CA GLU A 254 38.09 9.93 23.92
C GLU A 254 39.55 9.46 23.90
N THR A 255 40.00 9.06 22.72
CA THR A 255 41.38 8.69 22.46
C THR A 255 41.81 9.37 21.17
N PRO A 256 43.12 9.54 20.96
CA PRO A 256 43.57 10.25 19.74
C PRO A 256 43.03 9.66 18.45
N ARG A 257 43.00 8.33 18.32
CA ARG A 257 42.56 7.71 17.09
C ARG A 257 41.05 7.49 16.99
N ALA A 258 40.34 7.46 18.12
CA ALA A 258 38.88 7.28 18.07
C ALA A 258 38.11 8.59 18.11
N LYS A 259 38.76 9.70 18.50
CA LYS A 259 38.03 10.96 18.75
C LYS A 259 37.29 11.44 17.51
N ALA A 260 37.85 11.22 16.32
CA ALA A 260 37.18 11.69 15.10
C ALA A 260 35.83 11.00 14.89
N GLN A 261 35.66 9.79 15.43
CA GLN A 261 34.44 9.01 15.25
C GLN A 261 33.47 9.15 16.42
N MET A 262 33.72 10.06 17.36
CA MET A 262 32.85 10.18 18.53
C MET A 262 31.42 10.50 18.09
N PRO A 263 30.44 9.74 18.53
CA PRO A 263 29.05 10.07 18.20
C PRO A 263 28.66 11.37 18.87
N THR A 264 27.68 12.04 18.27
CA THR A 264 27.24 13.36 18.72
C THR A 264 25.77 13.32 19.14
N ILE A 265 25.45 14.12 20.15
CA ILE A 265 24.08 14.38 20.56
C ILE A 265 23.57 15.59 19.81
N GLU A 266 22.45 15.42 19.11
CA GLU A 266 21.90 16.44 18.23
C GLU A 266 20.41 16.64 18.48
N ARG A 267 19.96 17.86 18.18
CA ARG A 267 18.55 18.24 18.22
C ARG A 267 17.90 17.86 19.55
N LEU A 268 18.61 18.14 20.63
CA LEU A 268 18.15 17.84 21.97
C LEU A 268 17.04 18.82 22.35
N SER A 269 15.84 18.28 22.61
CA SER A 269 14.72 19.10 23.09
C SER A 269 14.04 18.45 24.28
N MET A 270 14.76 17.61 25.03
CA MET A 270 14.17 16.98 26.20
C MET A 270 13.96 18.01 27.30
N THR A 271 12.80 17.93 27.96
CA THR A 271 12.45 18.83 29.04
C THR A 271 12.69 18.21 30.41
N ARG A 272 12.99 16.91 30.45
CA ARG A 272 13.28 16.18 31.68
C ARG A 272 14.43 15.23 31.39
N TYR A 273 14.87 14.51 32.42
CA TYR A 273 15.81 13.42 32.25
C TYR A 273 15.07 12.10 32.10
N PHE A 274 15.61 11.21 31.27
CA PHE A 274 14.95 9.94 30.93
C PHE A 274 15.73 8.80 31.60
N TYR A 275 15.21 8.34 32.75
CA TYR A 275 15.73 7.13 33.38
C TYR A 275 14.94 5.92 32.88
N LEU A 276 15.66 4.90 32.43
CA LEU A 276 15.00 3.72 31.87
C LEU A 276 14.55 2.71 32.93
N PHE A 277 15.14 2.75 34.12
CA PHE A 277 14.86 1.80 35.21
C PHE A 277 14.71 0.36 34.68
N PRO A 278 15.77 -0.21 34.08
CA PRO A 278 15.64 -1.55 33.48
C PRO A 278 15.14 -2.56 34.51
N GLY A 279 14.21 -3.41 34.07
CA GLY A 279 13.59 -4.40 34.92
C GLY A 279 12.33 -3.93 35.63
N ASN A 280 12.06 -2.62 35.63
CA ASN A 280 10.87 -2.04 36.24
C ASN A 280 9.95 -1.49 35.16
N ALA B 8 -30.07 13.50 -24.22
CA ALA B 8 -29.43 14.49 -23.37
C ALA B 8 -30.10 14.57 -22.00
N LEU B 9 -29.33 15.02 -21.01
CA LEU B 9 -29.85 15.20 -19.65
C LEU B 9 -30.70 16.47 -19.63
N LYS B 10 -32.02 16.31 -19.47
CA LYS B 10 -32.87 17.48 -19.36
C LYS B 10 -32.67 18.16 -18.02
N LEU B 11 -32.44 19.47 -18.04
CA LEU B 11 -32.16 20.24 -16.85
C LEU B 11 -33.46 20.68 -16.17
N CYS B 12 -33.39 20.84 -14.86
CA CYS B 12 -34.50 21.41 -14.11
C CYS B 12 -34.45 22.93 -14.19
N PRO B 13 -35.49 23.61 -14.68
CA PRO B 13 -35.46 25.07 -14.74
C PRO B 13 -35.24 25.66 -13.36
N HIS B 14 -34.41 26.71 -13.31
CA HIS B 14 -33.99 27.28 -12.03
C HIS B 14 -35.18 27.71 -11.19
N GLU B 15 -36.18 28.34 -11.82
CA GLU B 15 -37.38 28.75 -11.09
C GLU B 15 -38.09 27.57 -10.47
N GLU B 16 -38.11 26.42 -11.17
CA GLU B 16 -38.73 25.22 -10.61
C GLU B 16 -37.94 24.71 -9.41
N PHE B 17 -36.62 24.78 -9.49
CA PHE B 17 -35.78 24.40 -8.36
C PHE B 17 -36.08 25.26 -7.13
N LEU B 18 -36.13 26.58 -7.32
CA LEU B 18 -36.46 27.48 -6.21
C LEU B 18 -37.85 27.22 -5.66
N ARG B 19 -38.84 27.02 -6.54
CA ARG B 19 -40.20 26.78 -6.10
C ARG B 19 -40.29 25.51 -5.26
N LEU B 20 -39.73 24.41 -5.77
CA LEU B 20 -39.82 23.15 -5.05
C LEU B 20 -39.07 23.21 -3.74
N CYS B 21 -37.93 23.91 -3.71
CA CYS B 21 -37.20 24.06 -2.44
C CYS B 21 -38.03 24.83 -1.42
N LYS B 22 -38.73 25.89 -1.84
CA LYS B 22 -39.56 26.63 -0.91
C LYS B 22 -40.72 25.77 -0.40
N GLU B 23 -41.40 25.07 -1.32
CA GLU B 23 -42.66 24.41 -0.96
C GLU B 23 -42.45 23.06 -0.28
N ARG B 24 -41.35 22.37 -0.54
CA ARG B 24 -41.15 21.02 -0.01
C ARG B 24 -39.89 20.92 0.83
N ALA B 25 -39.48 22.02 1.48
CA ALA B 25 -38.18 22.08 2.14
C ALA B 25 -38.02 20.98 3.18
N GLU B 26 -39.04 20.74 3.99
CA GLU B 26 -38.92 19.77 5.07
C GLU B 26 -38.89 18.33 4.58
N GLU B 27 -39.23 18.10 3.31
CA GLU B 27 -39.38 16.75 2.80
C GLU B 27 -38.23 16.29 1.91
N ILE B 28 -37.32 17.19 1.54
CA ILE B 28 -36.25 16.86 0.60
C ILE B 28 -34.89 17.14 1.24
N TYR B 29 -33.88 16.40 0.79
CA TYR B 29 -32.53 16.66 1.25
C TYR B 29 -32.04 18.01 0.74
N PRO B 30 -31.36 18.79 1.58
CA PRO B 30 -30.89 20.11 1.15
C PRO B 30 -29.79 20.03 0.11
N ILE B 31 -29.76 21.03 -0.76
CA ILE B 31 -28.78 21.13 -1.84
C ILE B 31 -27.77 22.21 -1.47
N LYS B 32 -26.48 21.88 -1.53
CA LYS B 32 -25.45 22.89 -1.35
C LYS B 32 -25.40 23.82 -2.55
N GLU B 33 -25.10 25.09 -2.30
CA GLU B 33 -25.01 26.09 -3.37
C GLU B 33 -24.01 25.63 -4.43
N ARG B 34 -24.42 25.73 -5.69
CA ARG B 34 -23.69 25.14 -6.81
C ARG B 34 -22.25 25.65 -6.89
N ASN B 35 -22.01 26.91 -6.51
CA ASN B 35 -20.72 27.51 -6.78
C ASN B 35 -19.64 27.02 -5.81
N ASN B 36 -20.01 26.63 -4.59
CA ASN B 36 -19.04 26.14 -3.62
C ASN B 36 -19.23 24.66 -3.30
N ARG B 37 -19.89 23.93 -4.19
CA ARG B 37 -20.22 22.54 -4.00
C ARG B 37 -19.17 21.66 -4.65
N THR B 38 -18.76 20.60 -3.96
CA THR B 38 -17.74 19.67 -4.46
C THR B 38 -18.26 18.23 -4.35
N ARG B 39 -19.25 17.90 -5.17
CA ARG B 39 -19.79 16.54 -5.20
C ARG B 39 -18.79 15.55 -5.76
N LEU B 40 -18.70 14.39 -5.13
CA LEU B 40 -17.88 13.29 -5.63
C LEU B 40 -18.73 12.05 -5.85
N ALA B 41 -18.33 11.26 -6.84
CA ALA B 41 -18.92 9.96 -7.11
C ALA B 41 -17.81 8.97 -7.43
N LEU B 42 -18.08 7.70 -7.15
CA LEU B 42 -17.09 6.64 -7.34
C LEU B 42 -17.69 5.52 -8.15
N ILE B 43 -16.97 5.07 -9.16
CA ILE B 43 -17.34 3.91 -9.97
C ILE B 43 -16.26 2.86 -9.78
N ILE B 44 -16.65 1.64 -9.44
CA ILE B 44 -15.76 0.49 -9.37
C ILE B 44 -16.31 -0.54 -10.33
N CYS B 45 -15.48 -0.96 -11.29
CA CYS B 45 -15.94 -1.87 -12.32
C CYS B 45 -14.89 -2.94 -12.54
N ASN B 46 -15.27 -4.20 -12.34
CA ASN B 46 -14.39 -5.33 -12.59
C ASN B 46 -14.81 -5.99 -13.90
N THR B 47 -13.88 -6.05 -14.85
CA THR B 47 -14.15 -6.58 -16.18
C THR B 47 -13.37 -7.85 -16.51
N GLU B 48 -12.17 -8.03 -15.95
CA GLU B 48 -11.34 -9.20 -16.21
C GLU B 48 -11.07 -9.92 -14.91
N PHE B 49 -11.29 -11.23 -14.90
CA PHE B 49 -11.21 -12.02 -13.69
C PHE B 49 -10.26 -13.19 -13.89
N ASP B 50 -9.59 -13.59 -12.80
CA ASP B 50 -8.70 -14.74 -12.87
C ASP B 50 -9.44 -16.03 -13.15
N HIS B 51 -10.67 -16.19 -12.63
CA HIS B 51 -11.36 -17.46 -12.72
C HIS B 51 -12.84 -17.33 -13.11
N LEU B 52 -13.25 -16.18 -13.63
CA LEU B 52 -14.63 -15.93 -14.02
C LEU B 52 -14.66 -15.39 -15.44
N PRO B 53 -15.82 -15.47 -16.11
CA PRO B 53 -15.89 -14.97 -17.48
C PRO B 53 -15.71 -13.46 -17.51
N PRO B 54 -15.23 -12.91 -18.62
CA PRO B 54 -15.05 -11.46 -18.72
C PRO B 54 -16.36 -10.73 -18.97
N ARG B 55 -16.42 -9.49 -18.50
CA ARG B 55 -17.58 -8.62 -18.65
C ARG B 55 -17.25 -7.59 -19.72
N ASN B 56 -17.50 -7.95 -20.98
CA ASN B 56 -17.14 -7.11 -22.11
C ASN B 56 -18.14 -5.96 -22.28
N GLY B 57 -17.69 -4.92 -22.98
CA GLY B 57 -18.50 -3.74 -23.16
C GLY B 57 -18.67 -2.88 -21.93
N ALA B 58 -17.89 -3.14 -20.89
CA ALA B 58 -18.02 -2.34 -19.67
C ALA B 58 -17.56 -0.90 -19.88
N ASP B 59 -16.70 -0.65 -20.88
CA ASP B 59 -16.29 0.72 -21.15
C ASP B 59 -17.49 1.60 -21.48
N PHE B 60 -18.49 1.04 -22.16
CA PHE B 60 -19.67 1.84 -22.49
C PHE B 60 -20.50 2.15 -21.25
N ASP B 61 -20.68 1.17 -20.36
CA ASP B 61 -21.37 1.43 -19.10
C ASP B 61 -20.63 2.47 -18.26
N ILE B 62 -19.30 2.32 -18.15
CA ILE B 62 -18.50 3.27 -17.38
C ILE B 62 -18.61 4.67 -17.97
N THR B 63 -18.45 4.77 -19.29
CA THR B 63 -18.53 6.07 -19.96
C THR B 63 -19.90 6.71 -19.75
N GLY B 64 -20.96 5.94 -19.96
CA GLY B 64 -22.31 6.48 -19.77
C GLY B 64 -22.57 6.93 -18.35
N MET B 65 -22.15 6.12 -17.36
CA MET B 65 -22.38 6.50 -15.97
C MET B 65 -21.53 7.70 -15.57
N LYS B 66 -20.28 7.76 -16.05
CA LYS B 66 -19.42 8.89 -15.75
C LYS B 66 -19.99 10.18 -16.33
N GLU B 67 -20.44 10.13 -17.59
CA GLU B 67 -21.03 11.31 -18.22
C GLU B 67 -22.33 11.70 -17.53
N LEU B 68 -23.15 10.73 -17.13
CA LEU B 68 -24.37 11.06 -16.39
C LEU B 68 -24.04 11.78 -15.08
N LEU B 69 -23.17 11.16 -14.26
CA LEU B 69 -22.85 11.75 -12.97
C LEU B 69 -22.21 13.13 -13.12
N GLU B 70 -21.36 13.31 -14.14
CA GLU B 70 -20.80 14.64 -14.36
C GLU B 70 -21.87 15.63 -14.77
N GLY B 71 -22.85 15.19 -15.57
CA GLY B 71 -23.99 16.04 -15.86
C GLY B 71 -24.79 16.39 -14.62
N LEU B 72 -24.83 15.49 -13.65
CA LEU B 72 -25.46 15.75 -12.35
C LEU B 72 -24.53 16.49 -11.39
N ASP B 73 -23.36 16.92 -11.90
CA ASP B 73 -22.39 17.77 -11.19
C ASP B 73 -21.60 17.00 -10.12
N TYR B 74 -21.33 15.73 -10.37
CA TYR B 74 -20.40 14.95 -9.56
C TYR B 74 -19.06 14.83 -10.29
N SER B 75 -17.97 15.04 -9.56
CA SER B 75 -16.66 14.65 -10.07
C SER B 75 -16.45 13.16 -9.80
N VAL B 76 -16.09 12.42 -10.84
CA VAL B 76 -16.15 10.97 -10.84
C VAL B 76 -14.75 10.38 -10.78
N ASP B 77 -14.51 9.51 -9.81
CA ASP B 77 -13.33 8.66 -9.77
C ASP B 77 -13.72 7.27 -10.25
N VAL B 78 -12.92 6.68 -11.13
CA VAL B 78 -13.18 5.35 -11.67
C VAL B 78 -12.03 4.42 -11.28
N GLU B 79 -12.40 3.26 -10.75
CA GLU B 79 -11.49 2.17 -10.42
C GLU B 79 -11.86 0.96 -11.26
N GLU B 80 -10.86 0.23 -11.75
CA GLU B 80 -11.12 -0.90 -12.62
C GLU B 80 -10.25 -2.09 -12.23
N ASN B 81 -10.88 -3.26 -12.15
CA ASN B 81 -10.20 -4.55 -11.94
C ASN B 81 -9.43 -4.55 -10.62
N LEU B 82 -10.20 -4.60 -9.55
CA LEU B 82 -9.66 -4.58 -8.19
C LEU B 82 -10.02 -5.87 -7.47
N THR B 83 -9.12 -6.30 -6.59
CA THR B 83 -9.44 -7.36 -5.65
C THR B 83 -10.39 -6.84 -4.57
N ALA B 84 -11.03 -7.77 -3.86
CA ALA B 84 -11.94 -7.37 -2.78
C ALA B 84 -11.21 -6.51 -1.76
N ARG B 85 -9.94 -6.84 -1.47
CA ARG B 85 -9.12 -6.03 -0.57
C ARG B 85 -8.95 -4.62 -1.11
N ASP B 86 -8.60 -4.50 -2.39
CA ASP B 86 -8.41 -3.20 -2.99
C ASP B 86 -9.73 -2.45 -3.15
N MET B 87 -10.82 -3.16 -3.44
CA MET B 87 -12.14 -2.51 -3.46
C MET B 87 -12.45 -1.89 -2.11
N GLU B 88 -12.20 -2.64 -1.03
CA GLU B 88 -12.46 -2.12 0.32
C GLU B 88 -11.58 -0.92 0.61
N SER B 89 -10.30 -0.99 0.24
CA SER B 89 -9.41 0.15 0.48
C SER B 89 -9.84 1.37 -0.33
N ALA B 90 -10.25 1.18 -1.58
CA ALA B 90 -10.74 2.30 -2.39
C ALA B 90 -11.97 2.92 -1.76
N LEU B 91 -12.91 2.09 -1.28
CA LEU B 91 -14.09 2.65 -0.62
C LEU B 91 -13.71 3.42 0.62
N ARG B 92 -12.78 2.90 1.42
CA ARG B 92 -12.39 3.58 2.64
C ARG B 92 -11.69 4.91 2.34
N ALA B 93 -10.87 4.95 1.30
CA ALA B 93 -10.22 6.20 0.91
C ALA B 93 -11.23 7.20 0.36
N PHE B 94 -12.19 6.73 -0.44
CA PHE B 94 -13.23 7.62 -0.93
C PHE B 94 -14.04 8.22 0.22
N ALA B 95 -14.35 7.41 1.23
CA ALA B 95 -15.14 7.89 2.35
C ALA B 95 -14.44 8.99 3.14
N THR B 96 -13.11 9.04 3.09
CA THR B 96 -12.36 10.05 3.83
C THR B 96 -11.98 11.26 2.98
N ARG B 97 -12.47 11.36 1.75
CA ARG B 97 -12.16 12.53 0.91
C ARG B 97 -12.71 13.80 1.54
N PRO B 98 -11.94 14.89 1.60
CA PRO B 98 -12.45 16.11 2.25
C PRO B 98 -13.52 16.82 1.45
N GLU B 99 -13.61 16.61 0.13
CA GLU B 99 -14.64 17.29 -0.66
C GLU B 99 -16.04 16.94 -0.18
N HIS B 100 -16.21 15.76 0.44
CA HIS B 100 -17.52 15.38 0.98
C HIS B 100 -18.04 16.40 1.96
N LYS B 101 -17.15 17.10 2.69
CA LYS B 101 -17.61 18.09 3.65
C LYS B 101 -18.36 19.22 2.95
N SER B 102 -17.95 19.60 1.75
CA SER B 102 -18.64 20.63 0.98
C SER B 102 -19.54 20.04 -0.10
N SER B 103 -20.02 18.82 0.12
CA SER B 103 -20.95 18.14 -0.78
C SER B 103 -22.28 17.93 -0.06
N ASP B 104 -23.30 17.56 -0.85
CA ASP B 104 -24.61 17.26 -0.29
C ASP B 104 -25.03 15.81 -0.46
N SER B 105 -24.20 14.97 -1.08
CA SER B 105 -24.61 13.63 -1.51
C SER B 105 -23.42 12.92 -2.13
N THR B 106 -23.57 11.62 -2.36
CA THR B 106 -22.59 10.87 -3.14
C THR B 106 -23.27 9.71 -3.86
N PHE B 107 -22.63 9.25 -4.93
CA PHE B 107 -23.02 8.05 -5.66
C PHE B 107 -21.87 7.05 -5.63
N LEU B 108 -22.21 5.79 -5.39
CA LEU B 108 -21.29 4.65 -5.51
C LEU B 108 -21.89 3.69 -6.54
N VAL B 109 -21.14 3.42 -7.60
CA VAL B 109 -21.58 2.56 -8.69
C VAL B 109 -20.65 1.37 -8.74
N LEU B 110 -21.19 0.17 -8.53
CA LEU B 110 -20.38 -1.04 -8.41
C LEU B 110 -20.84 -2.07 -9.44
N MET B 111 -19.91 -2.49 -10.29
CA MET B 111 -20.22 -3.40 -11.40
C MET B 111 -19.19 -4.52 -11.42
N SER B 112 -19.67 -5.76 -11.30
CA SER B 112 -18.79 -6.93 -11.21
C SER B 112 -19.68 -8.18 -11.26
N HIS B 113 -19.05 -9.34 -11.13
CA HIS B 113 -19.78 -10.53 -10.74
C HIS B 113 -20.11 -10.45 -9.26
N GLY B 114 -21.17 -11.15 -8.85
CA GLY B 114 -21.63 -11.05 -7.49
C GLY B 114 -22.18 -12.37 -6.97
N ILE B 115 -22.25 -12.44 -5.65
CA ILE B 115 -22.98 -13.50 -4.96
C ILE B 115 -24.05 -12.81 -4.12
N LEU B 116 -24.83 -13.59 -3.36
CA LEU B 116 -25.90 -13.00 -2.56
C LEU B 116 -25.34 -12.02 -1.53
N GLU B 117 -24.20 -12.33 -0.93
CA GLU B 117 -23.70 -11.55 0.20
C GLU B 117 -22.79 -10.40 -0.19
N GLY B 118 -22.29 -10.36 -1.43
CA GLY B 118 -21.36 -9.30 -1.78
C GLY B 118 -20.99 -9.31 -3.24
N ILE B 119 -19.93 -8.55 -3.55
CA ILE B 119 -19.45 -8.30 -4.91
C ILE B 119 -18.11 -8.98 -5.08
N CYS B 120 -17.90 -9.65 -6.21
CA CYS B 120 -16.69 -10.42 -6.44
C CYS B 120 -15.53 -9.51 -6.86
N GLY B 121 -14.37 -9.71 -6.23
CA GLY B 121 -13.13 -9.15 -6.72
C GLY B 121 -12.61 -9.92 -7.93
N THR B 122 -11.47 -9.46 -8.44
CA THR B 122 -10.92 -10.06 -9.65
C THR B 122 -10.40 -11.49 -9.41
N VAL B 123 -9.91 -11.79 -8.23
CA VAL B 123 -9.28 -13.07 -7.95
C VAL B 123 -10.26 -14.06 -7.32
N HIS B 124 -11.57 -13.87 -7.53
CA HIS B 124 -12.55 -14.71 -6.86
C HIS B 124 -12.60 -16.11 -7.49
N ASP B 125 -12.62 -17.12 -6.63
CA ASP B 125 -12.81 -18.50 -7.04
C ASP B 125 -13.73 -19.19 -6.04
N GLU B 126 -14.41 -20.24 -6.50
CA GLU B 126 -15.27 -21.02 -5.60
C GLU B 126 -14.47 -21.61 -4.45
N LYS B 127 -13.21 -21.99 -4.70
CA LYS B 127 -12.40 -22.57 -3.65
C LYS B 127 -11.85 -21.52 -2.69
N LYS B 128 -11.35 -20.40 -3.22
CA LYS B 128 -10.93 -19.27 -2.39
C LYS B 128 -11.79 -18.06 -2.74
N PRO B 129 -12.73 -17.66 -1.89
CA PRO B 129 -13.60 -16.53 -2.24
C PRO B 129 -12.89 -15.20 -2.06
N ASP B 130 -13.12 -14.30 -3.01
CA ASP B 130 -12.66 -12.92 -2.94
C ASP B 130 -13.89 -12.05 -3.10
N VAL B 131 -14.52 -11.70 -1.97
CA VAL B 131 -15.82 -11.06 -1.97
C VAL B 131 -15.77 -9.85 -1.05
N LEU B 132 -16.29 -8.72 -1.54
CA LEU B 132 -16.51 -7.52 -0.75
C LEU B 132 -17.97 -7.54 -0.29
N LEU B 133 -18.17 -7.71 1.02
CA LEU B 133 -19.52 -7.84 1.55
C LEU B 133 -20.28 -6.51 1.45
N TYR B 134 -21.58 -6.60 1.16
CA TYR B 134 -22.40 -5.39 1.13
C TYR B 134 -22.42 -4.73 2.51
N ASP B 135 -22.44 -5.53 3.57
CA ASP B 135 -22.40 -4.98 4.93
C ASP B 135 -21.15 -4.13 5.13
N THR B 136 -20.03 -4.53 4.53
CA THR B 136 -18.81 -3.74 4.65
C THR B 136 -18.97 -2.38 4.01
N ILE B 137 -19.60 -2.33 2.84
CA ILE B 137 -19.85 -1.06 2.17
C ILE B 137 -20.69 -0.15 3.06
N PHE B 138 -21.78 -0.69 3.59
CA PHE B 138 -22.64 0.16 4.41
C PHE B 138 -21.94 0.58 5.70
N GLN B 139 -21.06 -0.27 6.24
CA GLN B 139 -20.33 0.10 7.44
C GLN B 139 -19.34 1.23 7.17
N ILE B 140 -18.60 1.15 6.05
CA ILE B 140 -17.58 2.15 5.75
C ILE B 140 -18.21 3.56 5.71
N PHE B 141 -19.44 3.66 5.22
CA PHE B 141 -20.08 4.94 5.01
C PHE B 141 -21.14 5.28 6.06
N ASN B 142 -21.23 4.52 7.16
CA ASN B 142 -22.30 4.78 8.11
C ASN B 142 -22.01 6.05 8.92
N ASN B 143 -22.95 6.38 9.82
CA ASN B 143 -22.91 7.65 10.53
C ASN B 143 -21.73 7.78 11.48
N ARG B 144 -21.14 6.67 11.92
CA ARG B 144 -19.97 6.73 12.79
C ARG B 144 -18.68 6.84 12.00
N ASN B 145 -18.55 6.07 10.92
CA ASN B 145 -17.29 5.96 10.20
C ASN B 145 -17.12 7.02 9.12
N CYS B 146 -18.21 7.69 8.70
CA CYS B 146 -18.14 8.70 7.63
C CYS B 146 -18.97 9.90 8.07
N LEU B 147 -18.36 10.78 8.87
CA LEU B 147 -19.09 11.92 9.41
C LEU B 147 -19.37 12.97 8.35
N SER B 148 -18.51 13.10 7.34
CA SER B 148 -18.70 14.14 6.33
C SER B 148 -19.92 13.86 5.45
N LEU B 149 -20.36 12.60 5.33
CA LEU B 149 -21.56 12.26 4.59
C LEU B 149 -22.74 11.97 5.51
N LYS B 150 -22.63 12.26 6.80
CA LYS B 150 -23.73 12.05 7.73
C LYS B 150 -24.90 12.97 7.37
N ASP B 151 -26.10 12.39 7.35
CA ASP B 151 -27.36 13.05 6.98
C ASP B 151 -27.42 13.41 5.50
N LYS B 152 -26.48 12.92 4.68
CA LYS B 152 -26.53 13.16 3.25
C LYS B 152 -26.84 11.86 2.51
N PRO B 153 -27.65 11.91 1.46
CA PRO B 153 -28.03 10.67 0.76
C PRO B 153 -26.82 9.99 0.13
N LYS B 154 -26.72 8.68 0.39
CA LYS B 154 -25.68 7.82 -0.18
C LYS B 154 -26.36 6.81 -1.09
N VAL B 155 -26.20 7.01 -2.40
CA VAL B 155 -26.88 6.23 -3.43
C VAL B 155 -25.90 5.19 -3.96
N ILE B 156 -26.26 3.92 -3.82
CA ILE B 156 -25.41 2.81 -4.22
C ILE B 156 -26.09 2.10 -5.37
N ILE B 157 -25.46 2.10 -6.54
CA ILE B 157 -25.98 1.41 -7.71
C ILE B 157 -25.12 0.17 -7.93
N VAL B 158 -25.74 -1.00 -7.87
CA VAL B 158 -25.04 -2.27 -7.90
C VAL B 158 -25.52 -3.04 -9.13
N GLN B 159 -24.58 -3.53 -9.92
CA GLN B 159 -24.85 -4.46 -11.01
C GLN B 159 -23.91 -5.65 -10.79
N ALA B 160 -24.45 -6.73 -10.24
CA ALA B 160 -23.65 -7.90 -9.86
C ALA B 160 -24.36 -9.16 -10.35
N ALA B 161 -23.87 -9.72 -11.46
CA ALA B 161 -24.49 -10.90 -12.03
C ALA B 161 -24.37 -12.10 -11.10
N ARG B 162 -25.47 -12.85 -10.99
CA ARG B 162 -25.56 -14.03 -10.13
C ARG B 162 -25.22 -13.71 -8.68
N GLU B 191 -28.62 -5.27 20.29
CA GLU B 191 -27.95 -6.29 19.47
C GLU B 191 -27.13 -5.63 18.37
N ASP B 192 -26.60 -6.46 17.46
CA ASP B 192 -25.87 -5.95 16.31
C ASP B 192 -26.81 -5.37 15.26
N ALA B 193 -27.94 -6.04 15.03
CA ALA B 193 -28.92 -5.58 14.05
C ALA B 193 -29.67 -4.33 14.49
N VAL B 194 -29.64 -3.99 15.78
CA VAL B 194 -30.23 -2.73 16.23
C VAL B 194 -29.24 -1.59 16.05
N TYR B 195 -27.96 -1.85 16.34
CA TYR B 195 -26.92 -0.86 16.06
C TYR B 195 -26.88 -0.51 14.58
N LYS B 196 -27.03 -1.52 13.70
CA LYS B 196 -27.08 -1.25 12.26
C LYS B 196 -28.23 -0.31 11.93
N THR B 197 -29.43 -0.59 12.44
CA THR B 197 -30.57 0.28 12.18
C THR B 197 -30.32 1.70 12.67
N HIS B 198 -29.61 1.84 13.79
CA HIS B 198 -29.38 3.18 14.33
C HIS B 198 -28.33 3.96 13.53
N VAL B 199 -27.30 3.28 13.02
CA VAL B 199 -26.16 3.98 12.46
C VAL B 199 -26.15 4.04 10.93
N GLU B 200 -26.82 3.11 10.25
CA GLU B 200 -26.81 3.08 8.78
C GLU B 200 -28.04 3.86 8.29
N LYS B 201 -27.84 5.14 8.01
CA LYS B 201 -28.91 6.05 7.67
C LYS B 201 -28.67 6.69 6.31
N ASP B 202 -29.75 7.07 5.65
CA ASP B 202 -29.71 7.85 4.42
C ASP B 202 -29.03 7.09 3.28
N PHE B 203 -29.15 5.76 3.29
CA PHE B 203 -28.70 4.92 2.20
C PHE B 203 -29.86 4.56 1.28
N ILE B 204 -29.54 4.28 0.02
CA ILE B 204 -30.45 3.52 -0.82
C ILE B 204 -29.60 2.74 -1.81
N ALA B 205 -29.93 1.47 -2.04
CA ALA B 205 -29.24 0.65 -3.03
C ALA B 205 -30.22 0.28 -4.12
N PHE B 206 -29.79 0.42 -5.37
CA PHE B 206 -30.56 0.02 -6.55
C PHE B 206 -29.74 -1.07 -7.23
N CYS B 207 -30.27 -2.29 -7.24
CA CYS B 207 -29.47 -3.48 -7.53
C CYS B 207 -30.05 -4.25 -8.69
N SER B 208 -29.18 -4.63 -9.63
CA SER B 208 -29.50 -5.53 -10.73
C SER B 208 -28.61 -6.76 -10.60
N SER B 209 -29.24 -7.94 -10.63
CA SER B 209 -28.53 -9.21 -10.57
C SER B 209 -28.64 -10.00 -11.87
N THR B 210 -28.86 -9.31 -12.98
CA THR B 210 -29.13 -9.95 -14.27
C THR B 210 -27.91 -10.70 -14.78
N PRO B 211 -27.97 -12.03 -14.94
CA PRO B 211 -26.86 -12.83 -15.47
C PRO B 211 -26.60 -12.53 -16.95
N MET B 221 -21.17 -4.06 -26.28
CA MET B 221 -22.06 -2.92 -26.06
C MET B 221 -22.53 -2.85 -24.62
N GLY B 222 -23.17 -1.74 -24.27
CA GLY B 222 -23.61 -1.52 -22.90
C GLY B 222 -24.66 -2.51 -22.44
N SER B 223 -24.87 -2.54 -21.13
CA SER B 223 -25.83 -3.45 -20.52
C SER B 223 -27.21 -2.80 -20.43
N ILE B 224 -28.23 -3.66 -20.31
CA ILE B 224 -29.61 -3.19 -20.34
C ILE B 224 -29.92 -2.35 -19.11
N PHE B 225 -29.52 -2.83 -17.94
CA PHE B 225 -29.81 -2.11 -16.70
C PHE B 225 -29.22 -0.71 -16.71
N ILE B 226 -27.93 -0.60 -17.08
CA ILE B 226 -27.27 0.70 -17.07
C ILE B 226 -27.88 1.62 -18.12
N THR B 227 -28.21 1.08 -19.30
CA THR B 227 -28.83 1.88 -20.34
C THR B 227 -30.16 2.44 -19.88
N GLN B 228 -31.01 1.61 -19.28
CA GLN B 228 -32.31 2.06 -18.80
C GLN B 228 -32.14 3.08 -17.68
N LEU B 229 -31.21 2.84 -16.77
CA LEU B 229 -30.97 3.78 -15.67
C LEU B 229 -30.58 5.15 -16.22
N ILE B 230 -29.64 5.18 -17.16
CA ILE B 230 -29.22 6.45 -17.74
C ILE B 230 -30.37 7.13 -18.45
N THR B 231 -31.14 6.38 -19.24
CA THR B 231 -32.24 6.99 -19.98
C THR B 231 -33.27 7.59 -19.03
N CYS B 232 -33.63 6.88 -17.97
CA CYS B 232 -34.62 7.39 -17.04
C CYS B 232 -34.10 8.60 -16.26
N PHE B 233 -32.81 8.61 -15.90
CA PHE B 233 -32.24 9.82 -15.31
C PHE B 233 -32.32 10.99 -16.29
N GLN B 234 -31.95 10.76 -17.55
CA GLN B 234 -31.94 11.84 -18.53
C GLN B 234 -33.33 12.41 -18.73
N LYS B 235 -34.34 11.53 -18.74
CA LYS B 235 -35.70 11.95 -19.03
C LYS B 235 -36.43 12.54 -17.83
N TYR B 236 -36.16 12.05 -16.61
CA TYR B 236 -37.03 12.35 -15.48
C TYR B 236 -36.36 13.04 -14.29
N SER B 237 -35.03 13.12 -14.25
CA SER B 237 -34.41 13.67 -13.05
C SER B 237 -34.66 15.16 -12.89
N TRP B 238 -35.06 15.84 -13.96
CA TRP B 238 -35.37 17.27 -13.87
C TRP B 238 -36.63 17.55 -13.07
N CYS B 239 -37.54 16.59 -12.97
CA CYS B 239 -38.83 16.81 -12.33
C CYS B 239 -39.14 15.84 -11.21
N CYS B 240 -38.50 14.66 -11.19
CA CYS B 240 -38.83 13.60 -10.25
C CYS B 240 -37.64 13.33 -9.34
N HIS B 241 -37.93 12.96 -8.09
CA HIS B 241 -36.82 12.68 -7.19
C HIS B 241 -36.27 11.28 -7.46
N LEU B 242 -35.14 10.97 -6.80
CA LEU B 242 -34.34 9.79 -7.13
C LEU B 242 -35.18 8.52 -7.21
N GLU B 243 -36.07 8.32 -6.24
CA GLU B 243 -36.82 7.07 -6.19
C GLU B 243 -37.90 7.01 -7.25
N GLU B 244 -38.45 8.15 -7.68
CA GLU B 244 -39.35 8.13 -8.83
C GLU B 244 -38.60 7.73 -10.11
N VAL B 245 -37.36 8.20 -10.26
CA VAL B 245 -36.54 7.78 -11.39
C VAL B 245 -36.32 6.27 -11.33
N PHE B 246 -35.97 5.76 -10.14
CA PHE B 246 -35.78 4.32 -9.98
C PHE B 246 -37.05 3.55 -10.30
N ARG B 247 -38.22 4.12 -9.93
CA ARG B 247 -39.48 3.44 -10.21
C ARG B 247 -39.80 3.44 -11.70
N LYS B 248 -39.44 4.51 -12.41
CA LYS B 248 -39.55 4.49 -13.88
C LYS B 248 -38.69 3.38 -14.47
N VAL B 249 -37.44 3.25 -13.98
CA VAL B 249 -36.58 2.16 -14.43
C VAL B 249 -37.27 0.82 -14.20
N GLN B 250 -37.77 0.59 -12.99
CA GLN B 250 -38.44 -0.66 -12.68
C GLN B 250 -39.65 -0.89 -13.57
N GLN B 251 -40.42 0.17 -13.86
CA GLN B 251 -41.60 0.03 -14.72
C GLN B 251 -41.22 -0.43 -16.12
N SER B 252 -40.06 0.00 -16.60
CA SER B 252 -39.59 -0.51 -17.90
C SER B 252 -39.42 -2.03 -17.89
N PHE B 253 -39.36 -2.66 -16.72
CA PHE B 253 -39.23 -4.11 -16.58
C PHE B 253 -40.55 -4.80 -16.26
N GLU B 254 -41.67 -4.08 -16.27
CA GLU B 254 -42.97 -4.62 -15.86
C GLU B 254 -43.68 -5.31 -17.03
N THR B 255 -43.04 -6.35 -17.55
CA THR B 255 -43.60 -7.22 -18.57
C THR B 255 -43.28 -8.66 -18.18
N PRO B 256 -44.03 -9.63 -18.70
CA PRO B 256 -43.71 -11.04 -18.38
C PRO B 256 -42.30 -11.44 -18.76
N ARG B 257 -41.80 -10.98 -19.91
CA ARG B 257 -40.47 -11.40 -20.36
C ARG B 257 -39.33 -10.68 -19.64
N ALA B 258 -39.60 -9.53 -19.01
CA ALA B 258 -38.55 -8.76 -18.37
C ALA B 258 -38.64 -8.76 -16.85
N LYS B 259 -39.70 -9.32 -16.27
CA LYS B 259 -39.94 -9.15 -14.84
C LYS B 259 -38.89 -9.85 -13.99
N ALA B 260 -38.39 -11.00 -14.44
CA ALA B 260 -37.36 -11.71 -13.68
C ALA B 260 -36.08 -10.88 -13.54
N GLN B 261 -35.90 -9.87 -14.38
CA GLN B 261 -34.71 -9.04 -14.36
C GLN B 261 -34.91 -7.70 -13.68
N MET B 262 -36.08 -7.48 -13.05
CA MET B 262 -36.37 -6.14 -12.54
C MET B 262 -35.39 -5.78 -11.43
N PRO B 263 -34.76 -4.60 -11.50
CA PRO B 263 -33.87 -4.18 -10.41
C PRO B 263 -34.68 -3.88 -9.16
N THR B 264 -34.02 -4.05 -8.01
CA THR B 264 -34.67 -3.94 -6.72
C THR B 264 -34.07 -2.81 -5.91
N ILE B 265 -34.93 -2.16 -5.12
CA ILE B 265 -34.51 -1.14 -4.16
C ILE B 265 -34.31 -1.84 -2.83
N GLU B 266 -33.10 -1.73 -2.28
CA GLU B 266 -32.73 -2.48 -1.09
C GLU B 266 -32.06 -1.56 -0.07
N ARG B 267 -32.14 -2.00 1.18
CA ARG B 267 -31.55 -1.34 2.34
C ARG B 267 -31.82 0.16 2.32
N LEU B 268 -33.08 0.50 2.09
CA LEU B 268 -33.51 1.90 2.05
C LEU B 268 -33.56 2.46 3.47
N SER B 269 -32.80 3.52 3.72
CA SER B 269 -32.81 4.18 5.01
C SER B 269 -32.88 5.70 4.85
N MET B 270 -33.35 6.18 3.71
CA MET B 270 -33.47 7.62 3.49
C MET B 270 -34.58 8.19 4.38
N THR B 271 -34.33 9.37 4.92
CA THR B 271 -35.30 10.08 5.74
C THR B 271 -36.03 11.17 4.97
N ARG B 272 -35.55 11.52 3.78
CA ARG B 272 -36.16 12.55 2.94
C ARG B 272 -36.14 12.04 1.51
N TYR B 273 -36.66 12.85 0.58
CA TYR B 273 -36.55 12.56 -0.84
C TYR B 273 -35.38 13.33 -1.45
N PHE B 274 -34.71 12.69 -2.41
CA PHE B 274 -33.50 13.25 -3.03
C PHE B 274 -33.87 13.74 -4.43
N TYR B 275 -34.05 15.05 -4.57
CA TYR B 275 -34.15 15.68 -5.88
C TYR B 275 -32.76 16.11 -6.33
N LEU B 276 -32.38 15.73 -7.55
CA LEU B 276 -31.06 16.08 -8.04
C LEU B 276 -30.99 17.48 -8.64
N PHE B 277 -32.13 18.03 -9.08
CA PHE B 277 -32.20 19.36 -9.67
C PHE B 277 -31.10 19.59 -10.71
N PRO B 278 -31.05 18.79 -11.77
CA PRO B 278 -29.95 18.91 -12.73
C PRO B 278 -29.86 20.31 -13.32
N GLY B 279 -28.64 20.85 -13.32
CA GLY B 279 -28.39 22.20 -13.77
C GLY B 279 -28.36 23.23 -12.67
N ASN B 280 -28.76 22.87 -11.45
CA ASN B 280 -28.72 23.78 -10.32
C ASN B 280 -27.82 23.26 -9.22
N ILE C 23 35.22 -26.27 13.67
CA ILE C 23 34.34 -25.92 12.56
C ILE C 23 32.88 -26.01 13.01
N SER C 24 32.15 -24.90 12.89
CA SER C 24 30.76 -24.87 13.27
C SER C 24 29.89 -25.50 12.18
N LEU C 25 28.63 -25.78 12.55
CA LEU C 25 27.66 -26.23 11.55
C LEU C 25 27.53 -25.22 10.42
N GLU C 26 27.47 -23.93 10.76
CA GLU C 26 27.28 -22.91 9.73
C GLU C 26 28.46 -22.87 8.78
N ASP C 27 29.69 -23.01 9.30
CA ASP C 27 30.86 -23.01 8.43
C ASP C 27 30.83 -24.20 7.47
N ALA C 28 30.53 -25.39 8.01
CA ALA C 28 30.42 -26.57 7.16
C ALA C 28 29.37 -26.36 6.07
N ILE C 29 28.29 -25.67 6.39
CA ILE C 29 27.26 -25.39 5.40
C ILE C 29 27.77 -24.40 4.36
N LYS C 30 28.44 -23.33 4.81
CA LYS C 30 28.95 -22.33 3.88
C LYS C 30 29.98 -22.91 2.93
N ALA C 31 30.74 -23.91 3.38
CA ALA C 31 31.75 -24.56 2.55
C ALA C 31 31.19 -25.69 1.69
N SER C 32 29.89 -26.00 1.81
CA SER C 32 29.29 -27.13 1.10
C SER C 32 30.02 -28.44 1.41
N ASN C 33 30.44 -28.60 2.66
CA ASN C 33 31.18 -29.79 3.09
C ASN C 33 30.18 -30.82 3.59
N TYR C 34 29.70 -31.65 2.65
CA TYR C 34 28.63 -32.61 2.98
C TYR C 34 29.04 -33.57 4.08
N GLU C 35 30.32 -33.92 4.17
CA GLU C 35 30.77 -34.87 5.19
C GLU C 35 30.61 -34.28 6.59
N GLU C 36 31.11 -33.07 6.80
CA GLU C 36 30.95 -32.42 8.09
C GLU C 36 29.47 -32.18 8.41
N ILE C 37 28.68 -31.85 7.39
CA ILE C 37 27.25 -31.62 7.62
C ILE C 37 26.59 -32.90 8.13
N ASN C 38 26.81 -34.02 7.44
CA ASN C 38 26.25 -35.29 7.87
C ASN C 38 26.75 -35.67 9.26
N ASN C 39 28.01 -35.35 9.57
CA ASN C 39 28.52 -35.64 10.92
C ASN C 39 27.81 -34.81 11.98
N LYS C 40 27.42 -33.59 11.65
CA LYS C 40 26.83 -32.70 12.65
C LYS C 40 25.32 -32.78 12.72
N VAL C 41 24.64 -33.09 11.62
CA VAL C 41 23.18 -33.05 11.56
C VAL C 41 22.69 -34.47 11.84
N THR C 42 22.53 -34.78 13.12
CA THR C 42 22.16 -36.13 13.54
C THR C 42 20.69 -36.26 13.94
N ASP C 43 20.03 -35.17 14.33
CA ASP C 43 18.62 -35.22 14.73
C ASP C 43 17.86 -34.07 14.08
N LYS C 44 16.53 -34.10 14.28
CA LYS C 44 15.66 -33.13 13.62
C LYS C 44 15.92 -31.71 14.09
N LYS C 45 16.27 -31.53 15.36
CA LYS C 45 16.60 -30.19 15.86
C LYS C 45 17.79 -29.60 15.10
N MET C 46 18.84 -30.41 14.92
CA MET C 46 20.00 -29.97 14.16
C MET C 46 19.66 -29.80 12.69
N ALA C 47 18.74 -30.60 12.14
CA ALA C 47 18.32 -30.40 10.76
C ALA C 47 17.59 -29.07 10.59
N HIS C 48 16.80 -28.66 11.58
CA HIS C 48 16.17 -27.33 11.57
C HIS C 48 17.23 -26.24 11.55
N GLN C 49 18.20 -26.34 12.46
CA GLN C 49 19.30 -25.36 12.47
C GLN C 49 20.01 -25.31 11.14
N ALA C 50 20.30 -26.48 10.56
CA ALA C 50 21.06 -26.54 9.31
C ALA C 50 20.28 -25.99 8.15
N LEU C 51 18.97 -26.25 8.09
CA LEU C 51 18.16 -25.68 7.03
C LEU C 51 18.11 -24.16 7.15
N ALA C 52 17.98 -23.65 8.38
CA ALA C 52 17.96 -22.20 8.56
C ALA C 52 19.28 -21.57 8.09
N TYR C 53 20.41 -22.19 8.46
CA TYR C 53 21.71 -21.68 8.01
C TYR C 53 21.84 -21.76 6.49
N SER C 54 21.33 -22.84 5.88
CA SER C 54 21.40 -22.99 4.43
C SER C 54 20.60 -21.91 3.72
N LEU C 55 19.38 -21.63 4.21
CA LEU C 55 18.58 -20.55 3.63
C LEU C 55 19.26 -19.19 3.83
N GLY C 56 19.75 -18.93 5.05
CA GLY C 56 20.36 -17.64 5.33
C GLY C 56 21.61 -17.37 4.50
N ASN C 57 22.41 -18.41 4.27
CA ASN C 57 23.63 -18.28 3.47
C ASN C 57 23.41 -18.64 2.00
N LYS C 58 22.16 -18.89 1.59
CA LYS C 58 21.81 -19.08 0.18
C LYS C 58 22.51 -20.30 -0.42
N LYS C 59 22.57 -21.39 0.35
CA LYS C 59 23.15 -22.65 -0.10
C LYS C 59 21.99 -23.56 -0.50
N ALA C 60 21.48 -23.34 -1.71
CA ALA C 60 20.25 -24.03 -2.13
C ALA C 60 20.46 -25.54 -2.21
N ASP C 61 21.61 -25.97 -2.72
CA ASP C 61 21.85 -27.40 -2.87
C ASP C 61 21.94 -28.09 -1.52
N ILE C 62 22.59 -27.46 -0.54
CA ILE C 62 22.62 -28.01 0.81
C ILE C 62 21.20 -28.09 1.38
N ALA C 63 20.39 -27.06 1.13
CA ALA C 63 19.02 -27.07 1.66
C ALA C 63 18.22 -28.23 1.10
N LEU C 64 18.27 -28.42 -0.22
CA LEU C 64 17.55 -29.53 -0.85
C LEU C 64 18.08 -30.87 -0.36
N TYR C 65 19.39 -30.96 -0.13
CA TYR C 65 19.96 -32.18 0.44
C TYR C 65 19.35 -32.48 1.81
N LEU C 66 19.31 -31.47 2.68
CA LEU C 66 18.73 -31.66 4.01
C LEU C 66 17.27 -32.05 3.91
N LEU C 67 16.56 -31.50 2.94
CA LEU C 67 15.15 -31.83 2.79
C LEU C 67 14.97 -33.28 2.34
N SER C 68 15.96 -33.82 1.61
CA SER C 68 15.89 -35.23 1.25
C SER C 68 16.31 -36.15 2.40
N LYS C 69 17.13 -35.66 3.34
CA LYS C 69 17.60 -36.53 4.42
C LYS C 69 16.60 -36.66 5.57
N PHE C 70 15.77 -35.64 5.80
CA PHE C 70 14.83 -35.64 6.91
C PHE C 70 13.44 -35.32 6.39
N ASN C 71 12.44 -35.76 7.15
CA ASN C 71 11.04 -35.55 6.80
C ASN C 71 10.61 -34.19 7.31
N PHE C 72 10.39 -33.24 6.39
CA PHE C 72 9.98 -31.88 6.70
C PHE C 72 8.53 -31.68 6.32
N THR C 73 7.73 -31.19 7.27
CA THR C 73 6.34 -30.82 7.04
C THR C 73 6.12 -29.39 7.52
N LYS C 74 4.89 -28.91 7.38
CA LYS C 74 4.52 -27.58 7.91
C LYS C 74 4.87 -27.45 9.38
N GLN C 75 4.80 -28.54 10.14
CA GLN C 75 5.11 -28.46 11.56
C GLN C 75 6.59 -28.19 11.79
N ASP C 76 7.47 -28.72 10.93
CA ASP C 76 8.88 -28.37 11.02
C ASP C 76 9.11 -26.89 10.77
N VAL C 77 8.37 -26.31 9.82
CA VAL C 77 8.51 -24.88 9.56
C VAL C 77 8.03 -24.07 10.76
N ALA C 78 6.91 -24.47 11.35
CA ALA C 78 6.39 -23.77 12.54
C ALA C 78 7.40 -23.83 13.67
N GLU C 79 8.05 -24.98 13.87
CA GLU C 79 9.09 -25.09 14.89
C GLU C 79 10.29 -24.22 14.56
N MET C 80 10.69 -24.17 13.28
CA MET C 80 11.81 -23.30 12.90
C MET C 80 11.51 -21.84 13.20
N GLU C 81 10.24 -21.43 13.06
CA GLU C 81 9.89 -20.04 13.36
C GLU C 81 10.19 -19.68 14.81
N LYS C 82 10.21 -20.66 15.71
CA LYS C 82 10.43 -20.42 17.13
C LYS C 82 11.88 -20.62 17.55
N MET C 83 12.80 -20.81 16.60
CA MET C 83 14.22 -21.06 16.89
C MET C 83 14.92 -19.74 17.16
N LYS C 84 14.75 -19.21 18.37
CA LYS C 84 15.42 -17.97 18.72
C LYS C 84 16.93 -18.12 18.82
N ASN C 85 17.45 -19.34 19.00
CA ASN C 85 18.88 -19.56 19.11
C ASN C 85 19.56 -19.76 17.75
N ASN C 86 18.85 -19.50 16.66
CA ASN C 86 19.43 -19.48 15.32
C ASN C 86 19.44 -18.04 14.84
N ARG C 87 20.61 -17.58 14.37
CA ARG C 87 20.74 -16.16 14.02
C ARG C 87 19.71 -15.72 12.99
N TYR C 88 19.43 -16.58 12.01
CA TYR C 88 18.53 -16.19 10.93
C TYR C 88 17.05 -16.28 11.35
N CYS C 89 16.66 -17.38 11.97
CA CYS C 89 15.26 -17.52 12.38
C CYS C 89 14.89 -16.59 13.53
N ASN C 90 15.87 -16.17 14.32
CA ASN C 90 15.61 -15.15 15.34
C ASN C 90 15.08 -13.88 14.70
N LEU C 91 15.60 -13.50 13.53
CA LEU C 91 15.25 -12.24 12.90
C LEU C 91 14.22 -12.36 11.78
N TYR C 92 14.21 -13.48 11.04
CA TYR C 92 13.51 -13.57 9.78
C TYR C 92 12.54 -14.73 9.76
N ASP C 93 11.38 -14.51 9.12
CA ASP C 93 10.48 -15.61 8.80
C ASP C 93 11.14 -16.55 7.81
N VAL C 94 10.75 -17.82 7.87
CA VAL C 94 11.24 -18.79 6.89
C VAL C 94 10.88 -18.34 5.48
N GLU C 95 9.69 -17.76 5.31
CA GLU C 95 9.26 -17.32 3.98
C GLU C 95 10.13 -16.16 3.48
N TYR C 96 10.54 -15.28 4.40
CA TYR C 96 11.48 -14.22 4.04
C TYR C 96 12.78 -14.81 3.51
N LEU C 97 13.37 -15.74 4.26
CA LEU C 97 14.61 -16.40 3.82
C LEU C 97 14.42 -17.08 2.47
N LEU C 98 13.28 -17.72 2.25
CA LEU C 98 13.02 -18.39 0.97
C LEU C 98 12.98 -17.41 -0.18
N SER C 99 12.47 -16.20 0.04
CA SER C 99 12.22 -15.27 -1.06
C SER C 99 13.24 -14.14 -1.17
N LYS C 100 14.20 -14.03 -0.24
CA LYS C 100 15.02 -12.83 -0.20
C LYS C 100 15.99 -12.71 -1.38
N ASP C 101 16.34 -13.83 -2.02
CA ASP C 101 17.33 -13.81 -3.09
C ASP C 101 17.03 -14.91 -4.10
N GLY C 102 17.40 -14.67 -5.36
CA GLY C 102 17.18 -15.65 -6.41
C GLY C 102 17.95 -16.94 -6.22
N ALA C 103 19.07 -16.91 -5.49
CA ALA C 103 19.84 -18.12 -5.24
C ALA C 103 19.03 -19.17 -4.48
N ASN C 104 17.95 -18.78 -3.80
CA ASN C 104 17.12 -19.73 -3.08
C ASN C 104 15.90 -20.18 -3.88
N TYR C 105 15.84 -19.83 -5.16
CA TYR C 105 14.65 -20.11 -5.97
C TYR C 105 14.24 -21.57 -5.88
N LYS C 106 15.19 -22.49 -6.13
CA LYS C 106 14.87 -23.91 -6.15
C LYS C 106 14.32 -24.38 -4.80
N VAL C 107 14.75 -23.76 -3.70
CA VAL C 107 14.20 -24.15 -2.40
C VAL C 107 12.78 -23.63 -2.27
N LEU C 108 12.56 -22.36 -2.66
CA LEU C 108 11.22 -21.79 -2.62
C LEU C 108 10.23 -22.66 -3.37
N GLU C 109 10.57 -23.01 -4.61
CA GLU C 109 9.76 -23.92 -5.42
C GLU C 109 9.42 -25.18 -4.64
N TYR C 110 10.45 -25.82 -4.07
CA TYR C 110 10.21 -27.03 -3.29
C TYR C 110 9.18 -26.75 -2.21
N PHE C 111 9.42 -25.69 -1.42
CA PHE C 111 8.54 -25.41 -0.29
C PHE C 111 7.12 -25.18 -0.77
N ILE C 112 6.97 -24.52 -1.92
CA ILE C 112 5.62 -24.24 -2.39
C ILE C 112 4.99 -25.52 -2.93
N ASN C 113 5.77 -26.32 -3.67
CA ASN C 113 5.17 -27.45 -4.36
C ASN C 113 4.75 -28.54 -3.40
N ASN C 114 5.44 -28.67 -2.28
CA ASN C 114 5.12 -29.65 -1.26
C ASN C 114 4.30 -29.07 -0.12
N GLY C 115 3.77 -27.87 -0.27
CA GLY C 115 2.89 -27.30 0.74
C GLY C 115 3.52 -27.08 2.10
N LEU C 116 4.80 -26.70 2.15
CA LEU C 116 5.43 -26.44 3.44
C LEU C 116 5.13 -25.04 3.94
N VAL C 117 4.85 -24.09 3.05
CA VAL C 117 4.48 -22.73 3.43
C VAL C 117 3.31 -22.26 2.59
N ASP C 118 2.52 -21.34 3.15
CA ASP C 118 1.50 -20.62 2.41
C ASP C 118 2.17 -19.54 1.58
N VAL C 119 1.85 -19.52 0.28
CA VAL C 119 2.51 -18.57 -0.63
C VAL C 119 2.27 -17.13 -0.20
N ASN C 120 1.16 -16.87 0.52
CA ASN C 120 0.79 -15.53 0.91
C ASN C 120 0.84 -15.32 2.42
N LYS C 121 1.67 -16.10 3.12
CA LYS C 121 1.92 -15.87 4.53
C LYS C 121 2.50 -14.46 4.71
N LYS C 122 1.91 -13.69 5.61
CA LYS C 122 2.44 -12.37 5.93
C LYS C 122 3.56 -12.52 6.94
N PHE C 123 4.72 -11.91 6.64
CA PHE C 123 5.84 -11.97 7.56
C PHE C 123 5.43 -11.47 8.93
N GLN C 124 5.94 -12.14 9.97
CA GLN C 124 5.70 -11.74 11.35
C GLN C 124 6.92 -11.09 12.01
N LYS C 125 8.09 -11.16 11.38
CA LYS C 125 9.29 -10.62 11.99
C LYS C 125 9.78 -9.42 11.19
N VAL C 126 10.96 -9.53 10.56
CA VAL C 126 11.47 -8.43 9.76
C VAL C 126 10.50 -8.12 8.63
N ASN C 127 10.21 -6.83 8.44
CA ASN C 127 9.28 -6.35 7.42
C ASN C 127 7.91 -6.98 7.57
N SER C 128 7.41 -7.04 8.80
CA SER C 128 6.17 -7.74 9.08
C SER C 128 5.03 -7.17 8.25
N GLY C 129 4.19 -8.05 7.69
CA GLY C 129 3.14 -7.67 6.78
C GLY C 129 3.47 -7.86 5.31
N ASP C 130 4.76 -7.87 4.95
CA ASP C 130 5.19 -8.22 3.60
C ASP C 130 4.93 -9.70 3.33
N THR C 131 4.94 -10.06 2.04
CA THR C 131 4.85 -11.43 1.57
C THR C 131 6.09 -11.77 0.75
N MET C 132 6.20 -13.04 0.36
CA MET C 132 7.32 -13.45 -0.48
C MET C 132 7.36 -12.69 -1.80
N LEU C 133 6.18 -12.35 -2.35
CA LEU C 133 6.16 -11.58 -3.59
C LEU C 133 6.79 -10.20 -3.42
N ASP C 134 6.61 -9.59 -2.25
CA ASP C 134 7.29 -8.32 -1.96
C ASP C 134 8.81 -8.48 -2.06
N ASN C 135 9.36 -9.52 -1.44
CA ASN C 135 10.79 -9.76 -1.51
C ASN C 135 11.24 -10.01 -2.95
N ALA C 136 10.48 -10.82 -3.69
CA ALA C 136 10.83 -11.12 -5.07
C ALA C 136 10.85 -9.85 -5.92
N MET C 137 9.86 -8.97 -5.73
CA MET C 137 9.86 -7.68 -6.41
C MET C 137 11.07 -6.84 -6.01
N LYS C 138 11.41 -6.83 -4.72
CA LYS C 138 12.55 -6.05 -4.25
C LYS C 138 13.84 -6.50 -4.92
N SER C 139 14.02 -7.81 -5.08
CA SER C 139 15.24 -8.31 -5.71
C SER C 139 15.14 -8.30 -7.23
N LYS C 140 13.97 -8.05 -7.79
CA LYS C 140 13.74 -8.04 -9.24
C LYS C 140 14.08 -9.39 -9.87
N ASP C 141 13.86 -10.48 -9.14
CA ASP C 141 14.19 -11.81 -9.64
C ASP C 141 13.05 -12.28 -10.55
N SER C 142 13.35 -12.37 -11.85
CA SER C 142 12.32 -12.72 -12.83
C SER C 142 11.68 -14.06 -12.54
N LYS C 143 12.51 -15.10 -12.36
CA LYS C 143 11.99 -16.45 -12.18
C LYS C 143 11.14 -16.56 -10.92
N MET C 144 11.59 -15.95 -9.83
CA MET C 144 10.83 -16.03 -8.58
C MET C 144 9.51 -15.28 -8.69
N ILE C 145 9.53 -14.09 -9.29
CA ILE C 145 8.29 -13.33 -9.47
C ILE C 145 7.29 -14.13 -10.29
N ASP C 146 7.75 -14.68 -11.41
CA ASP C 146 6.86 -15.44 -12.30
C ASP C 146 6.30 -16.68 -11.61
N PHE C 147 7.16 -17.43 -10.89
CA PHE C 147 6.70 -18.63 -10.19
C PHE C 147 5.68 -18.28 -9.11
N LEU C 148 5.96 -17.23 -8.32
CA LEU C 148 5.04 -16.83 -7.27
C LEU C 148 3.69 -16.40 -7.85
N LEU C 149 3.71 -15.58 -8.91
CA LEU C 149 2.46 -15.16 -9.53
C LEU C 149 1.68 -16.36 -10.06
N LYS C 150 2.36 -17.31 -10.71
CA LYS C 150 1.67 -18.50 -11.19
C LYS C 150 1.07 -19.30 -10.05
N ASN C 151 1.63 -19.20 -8.85
CA ASN C 151 1.08 -19.91 -7.72
C ASN C 151 0.16 -19.05 -6.85
N GLY C 152 -0.38 -17.96 -7.40
CA GLY C 152 -1.36 -17.17 -6.70
C GLY C 152 -0.82 -16.22 -5.66
N ALA C 153 0.43 -15.78 -5.81
CA ALA C 153 1.00 -14.87 -4.81
C ALA C 153 0.43 -13.48 -4.96
N ILE C 154 0.26 -12.80 -3.82
CA ILE C 154 -0.19 -11.41 -3.78
C ILE C 154 0.82 -10.60 -2.96
N LEU C 155 0.80 -9.29 -3.17
CA LEU C 155 1.61 -8.37 -2.38
C LEU C 155 1.01 -8.18 -1.00
N GLY C 156 1.87 -7.87 -0.03
CA GLY C 156 1.38 -7.69 1.33
C GLY C 156 0.58 -6.41 1.49
N LYS C 157 0.96 -5.35 0.77
CA LYS C 157 0.35 -4.02 0.87
C LYS C 157 0.11 -3.64 2.33
N ARG C 158 1.19 -3.73 3.12
CA ARG C 158 1.03 -3.84 4.57
C ARG C 158 0.50 -2.54 5.20
N PHE C 159 0.82 -1.39 4.62
CA PHE C 159 0.32 -0.12 5.14
C PHE C 159 -0.89 0.39 4.37
N GLU C 160 -1.66 -0.52 3.79
CA GLU C 160 -2.88 -0.14 3.07
C GLU C 160 -3.95 0.34 4.06
N ILE C 161 -4.69 1.36 3.65
CA ILE C 161 -5.73 1.90 4.52
C ILE C 161 -6.95 1.00 4.45
N ILE D 23 -17.35 2.93 -42.83
CA ILE D 23 -16.37 2.32 -41.93
C ILE D 23 -15.66 3.37 -41.08
N SER D 24 -15.69 3.21 -39.76
CA SER D 24 -15.04 4.15 -38.86
C SER D 24 -13.54 3.85 -38.76
N LEU D 25 -12.80 4.83 -38.23
CA LEU D 25 -11.37 4.65 -38.03
C LEU D 25 -11.09 3.45 -37.11
N GLU D 26 -11.85 3.33 -36.02
CA GLU D 26 -11.62 2.21 -35.11
C GLU D 26 -11.92 0.88 -35.79
N ASP D 27 -12.97 0.82 -36.59
CA ASP D 27 -13.25 -0.39 -37.37
C ASP D 27 -12.08 -0.74 -38.27
N ALA D 28 -11.50 0.26 -38.94
CA ALA D 28 -10.36 0.00 -39.81
C ALA D 28 -9.17 -0.54 -39.01
N ILE D 29 -8.93 0.02 -37.83
CA ILE D 29 -7.81 -0.44 -37.00
C ILE D 29 -8.05 -1.87 -36.52
N LYS D 30 -9.27 -2.17 -36.06
CA LYS D 30 -9.57 -3.51 -35.58
C LYS D 30 -9.44 -4.56 -36.68
N ALA D 31 -9.72 -4.17 -37.93
CA ALA D 31 -9.60 -5.07 -39.06
C ALA D 31 -8.23 -5.05 -39.71
N SER D 32 -7.30 -4.23 -39.20
CA SER D 32 -5.98 -4.06 -39.80
C SER D 32 -6.10 -3.69 -41.28
N ASN D 33 -7.09 -2.85 -41.59
CA ASN D 33 -7.32 -2.39 -42.97
C ASN D 33 -6.42 -1.20 -43.21
N TYR D 34 -5.20 -1.47 -43.71
CA TYR D 34 -4.22 -0.41 -43.89
C TYR D 34 -4.67 0.63 -44.91
N GLU D 35 -5.46 0.24 -45.90
CA GLU D 35 -5.92 1.21 -46.89
C GLU D 35 -6.86 2.23 -46.24
N GLU D 36 -7.85 1.75 -45.47
CA GLU D 36 -8.73 2.67 -44.77
C GLU D 36 -7.98 3.49 -43.74
N ILE D 37 -7.02 2.87 -43.05
CA ILE D 37 -6.23 3.58 -42.05
C ILE D 37 -5.47 4.73 -42.69
N ASN D 38 -4.77 4.44 -43.79
CA ASN D 38 -4.01 5.47 -44.49
C ASN D 38 -4.93 6.55 -45.04
N ASN D 39 -6.12 6.16 -45.53
CA ASN D 39 -7.07 7.17 -46.00
C ASN D 39 -7.52 8.09 -44.87
N LYS D 40 -7.65 7.58 -43.65
CA LYS D 40 -8.22 8.37 -42.57
C LYS D 40 -7.18 9.15 -41.77
N VAL D 41 -5.95 8.68 -41.72
CA VAL D 41 -4.90 9.34 -40.91
C VAL D 41 -4.27 10.40 -41.81
N THR D 42 -4.93 11.56 -41.88
CA THR D 42 -4.52 12.65 -42.75
C THR D 42 -3.75 13.75 -42.02
N ASP D 43 -3.92 13.89 -40.71
CA ASP D 43 -3.21 14.88 -39.91
C ASP D 43 -2.79 14.26 -38.59
N LYS D 44 -2.08 15.04 -37.77
CA LYS D 44 -1.50 14.50 -36.55
C LYS D 44 -2.56 14.16 -35.51
N LYS D 45 -3.68 14.91 -35.48
CA LYS D 45 -4.77 14.57 -34.58
C LYS D 45 -5.34 13.19 -34.89
N MET D 46 -5.53 12.88 -36.18
CA MET D 46 -6.05 11.57 -36.54
C MET D 46 -5.03 10.47 -36.26
N ALA D 47 -3.74 10.79 -36.33
CA ALA D 47 -2.71 9.85 -35.91
C ALA D 47 -2.81 9.57 -34.41
N HIS D 48 -3.04 10.61 -33.60
CA HIS D 48 -3.29 10.42 -32.18
C HIS D 48 -4.46 9.49 -31.95
N GLN D 49 -5.59 9.76 -32.62
CA GLN D 49 -6.78 8.94 -32.46
C GLN D 49 -6.51 7.50 -32.87
N ALA D 50 -5.76 7.29 -33.96
CA ALA D 50 -5.49 5.95 -34.44
C ALA D 50 -4.57 5.19 -33.49
N LEU D 51 -3.56 5.86 -32.94
CA LEU D 51 -2.72 5.20 -31.95
C LEU D 51 -3.52 4.84 -30.71
N ALA D 52 -4.42 5.73 -30.28
CA ALA D 52 -5.26 5.43 -29.13
C ALA D 52 -6.10 4.18 -29.38
N TYR D 53 -6.76 4.12 -30.54
CA TYR D 53 -7.57 2.93 -30.86
C TYR D 53 -6.70 1.69 -30.98
N SER D 54 -5.48 1.83 -31.48
CA SER D 54 -4.59 0.68 -31.60
C SER D 54 -4.20 0.13 -30.24
N LEU D 55 -3.89 1.02 -29.29
CA LEU D 55 -3.57 0.58 -27.94
C LEU D 55 -4.79 -0.04 -27.27
N GLY D 56 -5.94 0.63 -27.36
CA GLY D 56 -7.14 0.12 -26.71
C GLY D 56 -7.56 -1.25 -27.21
N ASN D 57 -7.40 -1.50 -28.52
CA ASN D 57 -7.75 -2.79 -29.10
C ASN D 57 -6.57 -3.74 -29.18
N LYS D 58 -5.42 -3.38 -28.59
CA LYS D 58 -4.26 -4.28 -28.50
C LYS D 58 -3.77 -4.70 -29.87
N LYS D 59 -3.85 -3.79 -30.84
CA LYS D 59 -3.34 -4.03 -32.19
C LYS D 59 -1.92 -3.50 -32.26
N ALA D 60 -0.99 -4.29 -31.70
CA ALA D 60 0.38 -3.84 -31.52
C ALA D 60 1.04 -3.49 -32.85
N ASP D 61 0.81 -4.32 -33.87
CA ASP D 61 1.43 -4.09 -35.17
C ASP D 61 0.95 -2.78 -35.80
N ILE D 62 -0.35 -2.48 -35.67
CA ILE D 62 -0.86 -1.22 -36.18
C ILE D 62 -0.23 -0.05 -35.45
N ALA D 63 -0.09 -0.18 -34.12
CA ALA D 63 0.56 0.87 -33.34
C ALA D 63 1.98 1.12 -33.82
N LEU D 64 2.75 0.04 -34.02
CA LEU D 64 4.13 0.20 -34.48
C LEU D 64 4.18 0.78 -35.89
N TYR D 65 3.23 0.40 -36.75
CA TYR D 65 3.12 0.99 -38.08
C TYR D 65 2.93 2.50 -37.99
N LEU D 66 1.96 2.94 -37.18
CA LEU D 66 1.71 4.36 -37.01
C LEU D 66 2.93 5.07 -36.45
N LEU D 67 3.64 4.42 -35.52
CA LEU D 67 4.86 5.02 -34.97
C LEU D 67 5.96 5.11 -36.03
N SER D 68 5.98 4.19 -36.99
CA SER D 68 6.96 4.27 -38.06
C SER D 68 6.64 5.39 -39.04
N LYS D 69 5.36 5.62 -39.31
CA LYS D 69 4.99 6.63 -40.31
C LYS D 69 4.99 8.04 -39.76
N PHE D 70 4.72 8.22 -38.47
CA PHE D 70 4.63 9.54 -37.88
C PHE D 70 5.58 9.66 -36.70
N ASN D 71 6.13 10.85 -36.51
CA ASN D 71 7.08 11.12 -35.42
C ASN D 71 6.28 11.49 -34.18
N PHE D 72 6.17 10.56 -33.23
CA PHE D 72 5.53 10.82 -31.95
C PHE D 72 6.57 11.25 -30.93
N THR D 73 6.31 12.36 -30.23
CA THR D 73 7.15 12.88 -29.17
C THR D 73 6.38 12.83 -27.85
N LYS D 74 7.04 13.27 -26.76
CA LYS D 74 6.34 13.43 -25.50
C LYS D 74 5.17 14.40 -25.64
N GLN D 75 5.31 15.40 -26.51
CA GLN D 75 4.24 16.35 -26.75
C GLN D 75 3.02 15.66 -27.34
N ASP D 76 3.24 14.70 -28.23
CA ASP D 76 2.12 13.96 -28.81
C ASP D 76 1.38 13.16 -27.74
N VAL D 77 2.12 12.55 -26.81
CA VAL D 77 1.48 11.81 -25.72
C VAL D 77 0.67 12.74 -24.84
N ALA D 78 1.25 13.91 -24.50
CA ALA D 78 0.52 14.89 -23.71
C ALA D 78 -0.76 15.32 -24.40
N GLU D 79 -0.71 15.51 -25.72
CA GLU D 79 -1.92 15.89 -26.44
C GLU D 79 -2.93 14.75 -26.49
N MET D 80 -2.45 13.50 -26.60
CA MET D 80 -3.35 12.36 -26.56
C MET D 80 -4.10 12.28 -25.24
N GLU D 81 -3.41 12.62 -24.13
CA GLU D 81 -4.08 12.58 -22.83
C GLU D 81 -5.29 13.50 -22.76
N LYS D 82 -5.36 14.50 -23.64
CA LYS D 82 -6.46 15.45 -23.63
C LYS D 82 -7.57 15.10 -24.62
N MET D 83 -7.43 13.98 -25.34
CA MET D 83 -8.45 13.52 -26.30
C MET D 83 -9.68 12.94 -25.61
N LYS D 84 -10.64 13.78 -25.24
CA LYS D 84 -11.86 13.25 -24.64
C LYS D 84 -12.81 12.65 -25.68
N ASN D 85 -12.67 13.01 -26.95
CA ASN D 85 -13.49 12.44 -28.02
C ASN D 85 -12.96 11.12 -28.54
N ASN D 86 -12.05 10.49 -27.81
CA ASN D 86 -11.61 9.13 -28.05
C ASN D 86 -12.08 8.28 -26.88
N ARG D 87 -12.74 7.15 -27.17
CA ARG D 87 -13.34 6.36 -26.10
C ARG D 87 -12.30 5.88 -25.09
N TYR D 88 -11.11 5.53 -25.57
CA TYR D 88 -10.09 5.00 -24.66
C TYR D 88 -9.39 6.11 -23.89
N CYS D 89 -8.95 7.16 -24.57
CA CYS D 89 -8.24 8.23 -23.88
C CYS D 89 -9.15 9.06 -22.99
N ASN D 90 -10.46 9.04 -23.23
CA ASN D 90 -11.39 9.68 -22.31
C ASN D 90 -11.34 9.02 -20.93
N LEU D 91 -11.11 7.70 -20.88
CA LEU D 91 -11.13 6.93 -19.64
C LEU D 91 -9.74 6.58 -19.12
N TYR D 92 -8.76 6.35 -19.98
CA TYR D 92 -7.51 5.70 -19.61
C TYR D 92 -6.31 6.56 -19.95
N ASP D 93 -5.33 6.58 -19.04
CA ASP D 93 -4.02 7.15 -19.35
C ASP D 93 -3.38 6.37 -20.48
N VAL D 94 -2.55 7.06 -21.27
CA VAL D 94 -1.76 6.38 -22.29
C VAL D 94 -0.90 5.28 -21.66
N GLU D 95 -0.33 5.57 -20.49
CA GLU D 95 0.51 4.58 -19.81
C GLU D 95 -0.30 3.36 -19.38
N TYR D 96 -1.54 3.60 -18.96
CA TYR D 96 -2.46 2.49 -18.68
C TYR D 96 -2.64 1.61 -19.91
N LEU D 97 -2.92 2.23 -21.06
CA LEU D 97 -3.15 1.45 -22.28
C LEU D 97 -1.90 0.70 -22.70
N LEU D 98 -0.73 1.32 -22.54
CA LEU D 98 0.51 0.64 -22.86
C LEU D 98 0.74 -0.58 -21.98
N SER D 99 0.29 -0.54 -20.73
CA SER D 99 0.63 -1.58 -19.75
C SER D 99 -0.50 -2.56 -19.43
N LYS D 100 -1.70 -2.36 -19.98
CA LYS D 100 -2.84 -3.14 -19.49
C LYS D 100 -2.78 -4.60 -19.91
N ASP D 101 -2.08 -4.94 -20.99
CA ASP D 101 -2.08 -6.30 -21.49
C ASP D 101 -0.75 -6.60 -22.16
N GLY D 102 -0.32 -7.86 -22.07
CA GLY D 102 0.93 -8.27 -22.69
C GLY D 102 0.95 -8.11 -24.20
N ALA D 103 -0.22 -8.11 -24.85
CA ALA D 103 -0.28 -7.90 -26.30
C ALA D 103 0.37 -6.58 -26.70
N ASN D 104 0.36 -5.58 -25.81
CA ASN D 104 0.95 -4.27 -26.12
C ASN D 104 2.42 -4.16 -25.70
N TYR D 105 3.04 -5.28 -25.31
CA TYR D 105 4.41 -5.23 -24.80
C TYR D 105 5.35 -4.47 -25.73
N LYS D 106 5.37 -4.86 -27.01
CA LYS D 106 6.26 -4.24 -27.98
C LYS D 106 6.05 -2.73 -28.08
N VAL D 107 4.82 -2.25 -27.92
CA VAL D 107 4.60 -0.81 -27.94
C VAL D 107 5.17 -0.17 -26.68
N LEU D 108 4.88 -0.77 -25.53
CA LEU D 108 5.42 -0.25 -24.27
C LEU D 108 6.93 -0.09 -24.35
N GLU D 109 7.61 -1.16 -24.77
CA GLU D 109 9.04 -1.14 -25.05
C GLU D 109 9.44 0.10 -25.84
N TYR D 110 8.83 0.27 -27.02
CA TYR D 110 9.14 1.43 -27.86
C TYR D 110 8.97 2.71 -27.06
N PHE D 111 7.81 2.85 -26.39
CA PHE D 111 7.53 4.09 -25.67
C PHE D 111 8.57 4.34 -24.60
N ILE D 112 9.03 3.28 -23.92
CA ILE D 112 10.02 3.47 -22.88
C ILE D 112 11.38 3.74 -23.51
N ASN D 113 11.70 3.05 -24.61
CA ASN D 113 13.06 3.15 -25.13
C ASN D 113 13.30 4.49 -25.79
N ASN D 114 12.25 5.13 -26.30
CA ASN D 114 12.36 6.43 -26.96
C ASN D 114 11.95 7.57 -26.04
N GLY D 115 11.83 7.34 -24.74
CA GLY D 115 11.56 8.41 -23.79
C GLY D 115 10.21 9.06 -23.96
N LEU D 116 9.24 8.35 -24.52
CA LEU D 116 7.92 8.93 -24.77
C LEU D 116 7.12 9.08 -23.48
N VAL D 117 7.30 8.19 -22.52
CA VAL D 117 6.57 8.23 -21.26
C VAL D 117 7.54 8.01 -20.11
N ASP D 118 7.23 8.63 -18.97
CA ASP D 118 7.93 8.33 -17.73
C ASP D 118 7.46 6.97 -17.22
N VAL D 119 8.43 6.09 -16.90
CA VAL D 119 8.10 4.74 -16.48
C VAL D 119 7.27 4.74 -15.21
N ASN D 120 7.39 5.77 -14.37
CA ASN D 120 6.69 5.83 -13.09
C ASN D 120 5.65 6.93 -13.04
N LYS D 121 5.17 7.39 -14.19
CA LYS D 121 4.02 8.28 -14.22
C LYS D 121 2.86 7.65 -13.48
N LYS D 122 2.27 8.42 -12.55
CA LYS D 122 1.09 7.98 -11.84
C LYS D 122 -0.14 8.28 -12.69
N PHE D 123 -1.02 7.28 -12.84
CA PHE D 123 -2.21 7.45 -13.64
C PHE D 123 -3.06 8.59 -13.10
N GLN D 124 -3.64 9.38 -14.01
CA GLN D 124 -4.53 10.47 -13.64
C GLN D 124 -6.00 10.13 -13.82
N LYS D 125 -6.32 9.07 -14.56
CA LYS D 125 -7.71 8.77 -14.86
C LYS D 125 -8.15 7.51 -14.13
N VAL D 126 -8.47 6.43 -14.86
CA VAL D 126 -8.87 5.19 -14.21
C VAL D 126 -7.72 4.67 -13.36
N ASN D 127 -8.04 4.28 -12.12
CA ASN D 127 -7.05 3.79 -11.16
C ASN D 127 -5.97 4.83 -10.90
N SER D 128 -6.41 6.06 -10.63
CA SER D 128 -5.46 7.15 -10.44
C SER D 128 -4.53 6.83 -9.27
N GLY D 129 -3.22 6.95 -9.52
CA GLY D 129 -2.20 6.63 -8.56
C GLY D 129 -1.43 5.36 -8.88
N ASP D 130 -2.05 4.45 -9.63
CA ASP D 130 -1.34 3.28 -10.12
C ASP D 130 -0.26 3.70 -11.12
N THR D 131 0.70 2.80 -11.30
CA THR D 131 1.74 2.96 -12.32
C THR D 131 1.63 1.80 -13.29
N MET D 132 2.43 1.86 -14.35
CA MET D 132 2.46 0.77 -15.32
C MET D 132 2.83 -0.56 -14.67
N LEU D 133 3.68 -0.52 -13.64
CA LEU D 133 4.07 -1.76 -12.96
C LEU D 133 2.88 -2.40 -12.25
N ASP D 134 1.95 -1.60 -11.73
CA ASP D 134 0.73 -2.15 -11.14
C ASP D 134 -0.08 -2.94 -12.18
N ASN D 135 -0.25 -2.38 -13.38
CA ASN D 135 -0.97 -3.08 -14.44
C ASN D 135 -0.23 -4.35 -14.85
N ALA D 136 1.10 -4.27 -14.95
CA ALA D 136 1.89 -5.45 -15.30
C ALA D 136 1.73 -6.54 -14.24
N MET D 137 1.65 -6.15 -12.96
CA MET D 137 1.41 -7.12 -11.89
C MET D 137 0.01 -7.72 -12.00
N LYS D 138 -1.00 -6.89 -12.25
CA LYS D 138 -2.37 -7.40 -12.40
C LYS D 138 -2.44 -8.44 -13.50
N SER D 139 -1.80 -8.17 -14.63
CA SER D 139 -1.89 -9.12 -15.74
C SER D 139 -0.93 -10.30 -15.58
N LYS D 140 -0.02 -10.25 -14.60
CA LYS D 140 0.96 -11.31 -14.37
C LYS D 140 1.83 -11.54 -15.60
N ASP D 141 2.12 -10.48 -16.35
CA ASP D 141 2.92 -10.58 -17.56
C ASP D 141 4.39 -10.53 -17.17
N SER D 142 5.06 -11.68 -17.19
CA SER D 142 6.44 -11.77 -16.74
C SER D 142 7.37 -10.89 -17.56
N LYS D 143 7.20 -10.91 -18.88
CA LYS D 143 8.08 -10.12 -19.75
C LYS D 143 7.94 -8.64 -19.49
N MET D 144 6.70 -8.17 -19.34
CA MET D 144 6.46 -6.75 -19.07
C MET D 144 6.97 -6.36 -17.69
N ILE D 145 6.72 -7.19 -16.68
CA ILE D 145 7.22 -6.91 -15.34
C ILE D 145 8.74 -6.77 -15.36
N ASP D 146 9.42 -7.71 -16.03
CA ASP D 146 10.88 -7.66 -16.10
C ASP D 146 11.37 -6.41 -16.83
N PHE D 147 10.75 -6.09 -17.98
CA PHE D 147 11.17 -4.91 -18.72
C PHE D 147 11.00 -3.65 -17.88
N LEU D 148 9.88 -3.54 -17.15
CA LEU D 148 9.63 -2.37 -16.33
C LEU D 148 10.64 -2.26 -15.19
N LEU D 149 10.87 -3.38 -14.49
CA LEU D 149 11.81 -3.36 -13.37
C LEU D 149 13.22 -3.04 -13.83
N LYS D 150 13.64 -3.56 -14.99
CA LYS D 150 14.95 -3.21 -15.53
C LYS D 150 15.05 -1.72 -15.81
N ASN D 151 13.94 -1.05 -16.12
CA ASN D 151 13.95 0.38 -16.41
C ASN D 151 13.51 1.21 -15.21
N GLY D 152 13.68 0.69 -13.99
CA GLY D 152 13.45 1.48 -12.79
C GLY D 152 12.00 1.66 -12.36
N ALA D 153 11.10 0.76 -12.78
CA ALA D 153 9.69 0.94 -12.42
C ALA D 153 9.47 0.67 -10.93
N ILE D 154 8.49 1.39 -10.37
CA ILE D 154 8.06 1.19 -9.00
C ILE D 154 6.53 1.09 -8.98
N LEU D 155 6.01 0.49 -7.92
CA LEU D 155 4.57 0.39 -7.73
C LEU D 155 4.01 1.74 -7.28
N GLY D 156 2.73 1.96 -7.58
CA GLY D 156 2.09 3.21 -7.17
C GLY D 156 1.83 3.29 -5.69
N LYS D 157 1.48 2.16 -5.06
CA LYS D 157 1.15 2.09 -3.64
C LYS D 157 0.15 3.19 -3.26
N ARG D 158 -0.92 3.31 -4.06
CA ARG D 158 -1.81 4.46 -3.96
C ARG D 158 -2.70 4.41 -2.72
N PHE D 159 -3.11 3.23 -2.28
CA PHE D 159 -3.97 3.10 -1.10
C PHE D 159 -3.18 2.96 0.20
N GLU D 160 -1.86 3.11 0.14
CA GLU D 160 -0.99 2.86 1.28
C GLU D 160 -0.37 4.16 1.76
N ILE D 161 -0.28 4.31 3.09
CA ILE D 161 0.21 5.55 3.69
C ILE D 161 1.69 5.76 3.40
#